data_1MKC
# 
_entry.id   1MKC 
# 
_audit_conform.dict_name       mmcif_pdbx.dic 
_audit_conform.dict_version    5.398 
_audit_conform.dict_location   http://mmcif.pdb.org/dictionaries/ascii/mmcif_pdbx.dic 
# 
loop_
_database_2.database_id 
_database_2.database_code 
_database_2.pdbx_database_accession 
_database_2.pdbx_DOI 
PDB   1MKC         pdb_00001mkc 10.2210/pdb1mkc/pdb 
RCSB  RCSB000660   ?            ?                   
WWPDB D_1000000660 ?            ?                   
# 
loop_
_pdbx_audit_revision_history.ordinal 
_pdbx_audit_revision_history.data_content_type 
_pdbx_audit_revision_history.major_revision 
_pdbx_audit_revision_history.minor_revision 
_pdbx_audit_revision_history.revision_date 
1 'Structure model' 1 0 1999-03-23 
2 'Structure model' 1 1 2008-04-26 
3 'Structure model' 1 2 2011-07-13 
4 'Structure model' 1 3 2022-02-23 
5 'Structure model' 1 4 2023-12-27 
6 'Structure model' 1 5 2024-11-06 
# 
_pdbx_audit_revision_details.ordinal             1 
_pdbx_audit_revision_details.revision_ordinal    1 
_pdbx_audit_revision_details.data_content_type   'Structure model' 
_pdbx_audit_revision_details.provider            repository 
_pdbx_audit_revision_details.type                'Initial release' 
_pdbx_audit_revision_details.description         ? 
_pdbx_audit_revision_details.details             ? 
# 
loop_
_pdbx_audit_revision_group.ordinal 
_pdbx_audit_revision_group.revision_ordinal 
_pdbx_audit_revision_group.data_content_type 
_pdbx_audit_revision_group.group 
1 2 'Structure model' 'Version format compliance' 
2 3 'Structure model' 'Version format compliance' 
3 4 'Structure model' 'Database references'       
4 4 'Structure model' 'Derived calculations'      
5 5 'Structure model' 'Data collection'           
6 6 'Structure model' 'Structure summary'         
# 
loop_
_pdbx_audit_revision_category.ordinal 
_pdbx_audit_revision_category.revision_ordinal 
_pdbx_audit_revision_category.data_content_type 
_pdbx_audit_revision_category.category 
1 4 'Structure model' database_2                
2 4 'Structure model' pdbx_struct_assembly      
3 4 'Structure model' pdbx_struct_oper_list     
4 5 'Structure model' chem_comp_atom            
5 5 'Structure model' chem_comp_bond            
6 6 'Structure model' pdbx_entry_details        
7 6 'Structure model' pdbx_modification_feature 
# 
loop_
_pdbx_audit_revision_item.ordinal 
_pdbx_audit_revision_item.revision_ordinal 
_pdbx_audit_revision_item.data_content_type 
_pdbx_audit_revision_item.item 
1 4 'Structure model' '_database_2.pdbx_DOI'                
2 4 'Structure model' '_database_2.pdbx_database_accession' 
# 
_pdbx_database_status.status_code                     REL 
_pdbx_database_status.entry_id                        1MKC 
_pdbx_database_status.recvd_initial_deposition_date   1999-03-16 
_pdbx_database_status.deposit_site                    BNL 
_pdbx_database_status.process_site                    RCSB 
_pdbx_database_status.SG_entry                        . 
_pdbx_database_status.pdb_format_compatible           Y 
_pdbx_database_status.status_code_mr                  ? 
_pdbx_database_status.status_code_sf                  ? 
_pdbx_database_status.status_code_cs                  ? 
_pdbx_database_status.status_code_nmr_data            ? 
_pdbx_database_status.methods_development_category    ? 
# 
loop_
_audit_author.name 
_audit_author.pdbx_ordinal 
'Iwasaki, W.'   1  
'Nagata, K.'    2  
'Hatanaka, H.'  3  
'Ogura, K.'     4  
'Inui, T.'      5  
'Kimura, T.'    6  
'Muramatsu, T.' 7  
'Yoshida, K.'   8  
'Tasumi, M.'    9  
'Inagaki, F.'   10 
# 
_citation.id                        primary 
_citation.title                     'Solution structure of midkine, a new heparin-binding growth factor.' 
_citation.journal_abbrev            'EMBO J.' 
_citation.journal_volume            16 
_citation.page_first                6936 
_citation.page_last                 6946 
_citation.year                      1997 
_citation.journal_id_ASTM           EMJODG 
_citation.country                   UK 
_citation.journal_id_ISSN           0261-4189 
_citation.journal_id_CSD            0897 
_citation.book_publisher            ? 
_citation.pdbx_database_id_PubMed   9384573 
_citation.pdbx_database_id_DOI      10.1093/emboj/16.23.6936 
# 
loop_
_citation_author.citation_id 
_citation_author.name 
_citation_author.ordinal 
_citation_author.identifier_ORCID 
primary 'Iwasaki, W.'   1 ? 
primary 'Nagata, K.'    2 ? 
primary 'Hatanaka, H.'  3 ? 
primary 'Inui, T.'      4 ? 
primary 'Kimura, T.'    5 ? 
primary 'Muramatsu, T.' 6 ? 
primary 'Yoshida, K.'   7 ? 
primary 'Tasumi, M.'    8 ? 
primary 'Inagaki, F.'   9 ? 
# 
_entity.id                         1 
_entity.type                       polymer 
_entity.src_method                 syn 
_entity.pdbx_description           'PROTEIN (MIDKINE)' 
_entity.formula_weight             4848.589 
_entity.pdbx_number_of_molecules   1 
_entity.pdbx_ec                    ? 
_entity.pdbx_mutation              ? 
_entity.pdbx_fragment              'C-TERMINAL DOMAIN' 
_entity.details                    ? 
# 
_entity_poly.entity_id                      1 
_entity_poly.type                           'polypeptide(L)' 
_entity_poly.nstd_linkage                   no 
_entity_poly.nstd_monomer                   no 
_entity_poly.pdbx_seq_one_letter_code       CKYKFENWGACDGGTGTKVRQGTLKKARYNAQCQETIRVTKPC 
_entity_poly.pdbx_seq_one_letter_code_can   CKYKFENWGACDGGTGTKVRQGTLKKARYNAQCQETIRVTKPC 
_entity_poly.pdbx_strand_id                 A 
_entity_poly.pdbx_target_identifier         ? 
# 
loop_
_entity_poly_seq.entity_id 
_entity_poly_seq.num 
_entity_poly_seq.mon_id 
_entity_poly_seq.hetero 
1 1  CYS n 
1 2  LYS n 
1 3  TYR n 
1 4  LYS n 
1 5  PHE n 
1 6  GLU n 
1 7  ASN n 
1 8  TRP n 
1 9  GLY n 
1 10 ALA n 
1 11 CYS n 
1 12 ASP n 
1 13 GLY n 
1 14 GLY n 
1 15 THR n 
1 16 GLY n 
1 17 THR n 
1 18 LYS n 
1 19 VAL n 
1 20 ARG n 
1 21 GLN n 
1 22 GLY n 
1 23 THR n 
1 24 LEU n 
1 25 LYS n 
1 26 LYS n 
1 27 ALA n 
1 28 ARG n 
1 29 TYR n 
1 30 ASN n 
1 31 ALA n 
1 32 GLN n 
1 33 CYS n 
1 34 GLN n 
1 35 GLU n 
1 36 THR n 
1 37 ILE n 
1 38 ARG n 
1 39 VAL n 
1 40 THR n 
1 41 LYS n 
1 42 PRO n 
1 43 CYS n 
# 
_pdbx_entity_src_syn.entity_id              1 
_pdbx_entity_src_syn.pdbx_src_id            1 
_pdbx_entity_src_syn.pdbx_alt_source_flag   sample 
_pdbx_entity_src_syn.pdbx_beg_seq_num       ? 
_pdbx_entity_src_syn.pdbx_end_seq_num       ? 
_pdbx_entity_src_syn.organism_scientific    ? 
_pdbx_entity_src_syn.organism_common_name   ? 
_pdbx_entity_src_syn.ncbi_taxonomy_id       ? 
_pdbx_entity_src_syn.details                
'THE PROTEIN WAS CHEMICALLY SYNTHESIZED. THE SEQUENCE OF THIS PROTEIN IS NATURALLY FOUND IN HOMO SAPIENS (HUMAN).' 
# 
loop_
_chem_comp.id 
_chem_comp.type 
_chem_comp.mon_nstd_flag 
_chem_comp.name 
_chem_comp.pdbx_synonyms 
_chem_comp.formula 
_chem_comp.formula_weight 
ALA 'L-peptide linking' y ALANINE         ? 'C3 H7 N O2'     89.093  
ARG 'L-peptide linking' y ARGININE        ? 'C6 H15 N4 O2 1' 175.209 
ASN 'L-peptide linking' y ASPARAGINE      ? 'C4 H8 N2 O3'    132.118 
ASP 'L-peptide linking' y 'ASPARTIC ACID' ? 'C4 H7 N O4'     133.103 
CYS 'L-peptide linking' y CYSTEINE        ? 'C3 H7 N O2 S'   121.158 
GLN 'L-peptide linking' y GLUTAMINE       ? 'C5 H10 N2 O3'   146.144 
GLU 'L-peptide linking' y 'GLUTAMIC ACID' ? 'C5 H9 N O4'     147.129 
GLY 'peptide linking'   y GLYCINE         ? 'C2 H5 N O2'     75.067  
ILE 'L-peptide linking' y ISOLEUCINE      ? 'C6 H13 N O2'    131.173 
LEU 'L-peptide linking' y LEUCINE         ? 'C6 H13 N O2'    131.173 
LYS 'L-peptide linking' y LYSINE          ? 'C6 H15 N2 O2 1' 147.195 
PHE 'L-peptide linking' y PHENYLALANINE   ? 'C9 H11 N O2'    165.189 
PRO 'L-peptide linking' y PROLINE         ? 'C5 H9 N O2'     115.130 
THR 'L-peptide linking' y THREONINE       ? 'C4 H9 N O3'     119.119 
TRP 'L-peptide linking' y TRYPTOPHAN      ? 'C11 H12 N2 O2'  204.225 
TYR 'L-peptide linking' y TYROSINE        ? 'C9 H11 N O3'    181.189 
VAL 'L-peptide linking' y VALINE          ? 'C5 H11 N O2'    117.146 
# 
loop_
_pdbx_poly_seq_scheme.asym_id 
_pdbx_poly_seq_scheme.entity_id 
_pdbx_poly_seq_scheme.seq_id 
_pdbx_poly_seq_scheme.mon_id 
_pdbx_poly_seq_scheme.ndb_seq_num 
_pdbx_poly_seq_scheme.pdb_seq_num 
_pdbx_poly_seq_scheme.auth_seq_num 
_pdbx_poly_seq_scheme.pdb_mon_id 
_pdbx_poly_seq_scheme.auth_mon_id 
_pdbx_poly_seq_scheme.pdb_strand_id 
_pdbx_poly_seq_scheme.pdb_ins_code 
_pdbx_poly_seq_scheme.hetero 
A 1 1  CYS 1  62  62  CYS CYS A . n 
A 1 2  LYS 2  63  63  LYS LYS A . n 
A 1 3  TYR 3  64  64  TYR TYR A . n 
A 1 4  LYS 4  65  65  LYS LYS A . n 
A 1 5  PHE 5  66  66  PHE PHE A . n 
A 1 6  GLU 6  67  67  GLU GLU A . n 
A 1 7  ASN 7  68  68  ASN ASN A . n 
A 1 8  TRP 8  69  69  TRP TRP A . n 
A 1 9  GLY 9  70  70  GLY GLY A . n 
A 1 10 ALA 10 71  71  ALA ALA A . n 
A 1 11 CYS 11 72  72  CYS CYS A . n 
A 1 12 ASP 12 73  73  ASP ASP A . n 
A 1 13 GLY 13 74  74  GLY GLY A . n 
A 1 14 GLY 14 75  75  GLY GLY A . n 
A 1 15 THR 15 76  76  THR THR A . n 
A 1 16 GLY 16 77  77  GLY GLY A . n 
A 1 17 THR 17 78  78  THR THR A . n 
A 1 18 LYS 18 79  79  LYS LYS A . n 
A 1 19 VAL 19 80  80  VAL VAL A . n 
A 1 20 ARG 20 81  81  ARG ARG A . n 
A 1 21 GLN 21 82  82  GLN GLN A . n 
A 1 22 GLY 22 83  83  GLY GLY A . n 
A 1 23 THR 23 84  84  THR THR A . n 
A 1 24 LEU 24 85  85  LEU LEU A . n 
A 1 25 LYS 25 86  86  LYS LYS A . n 
A 1 26 LYS 26 87  87  LYS LYS A . n 
A 1 27 ALA 27 88  88  ALA ALA A . n 
A 1 28 ARG 28 89  89  ARG ARG A . n 
A 1 29 TYR 29 90  90  TYR TYR A . n 
A 1 30 ASN 30 91  91  ASN ASN A . n 
A 1 31 ALA 31 92  92  ALA ALA A . n 
A 1 32 GLN 32 93  93  GLN GLN A . n 
A 1 33 CYS 33 94  94  CYS CYS A . n 
A 1 34 GLN 34 95  95  GLN GLN A . n 
A 1 35 GLU 35 96  96  GLU GLU A . n 
A 1 36 THR 36 97  97  THR THR A . n 
A 1 37 ILE 37 98  98  ILE ILE A . n 
A 1 38 ARG 38 99  99  ARG ARG A . n 
A 1 39 VAL 39 100 100 VAL VAL A . n 
A 1 40 THR 40 101 101 THR THR A . n 
A 1 41 LYS 41 102 102 LYS LYS A . n 
A 1 42 PRO 42 103 103 PRO PRO A . n 
A 1 43 CYS 43 104 104 CYS CYS A . n 
# 
_cell.entry_id           1MKC 
_cell.length_a           1.000 
_cell.length_b           1.000 
_cell.length_c           1.000 
_cell.angle_alpha        90.00 
_cell.angle_beta         90.00 
_cell.angle_gamma        90.00 
_cell.Z_PDB              1 
_cell.pdbx_unique_axis   ? 
# 
_symmetry.entry_id                         1MKC 
_symmetry.space_group_name_H-M             'P 1' 
_symmetry.pdbx_full_space_group_name_H-M   ? 
_symmetry.cell_setting                     ? 
_symmetry.Int_Tables_number                1 
# 
_exptl.entry_id          1MKC 
_exptl.method            'SOLUTION NMR' 
_exptl.crystals_number   ? 
# 
_struct.entry_id                  1MKC 
_struct.title                     'C-TERMINAL DOMAIN OF MIDKINE' 
_struct.pdbx_model_details        ? 
_struct.pdbx_CASP_flag            ? 
_struct.pdbx_model_type_details   ? 
# 
_struct_keywords.entry_id        1MKC 
_struct_keywords.pdbx_keywords   'HEPARIN-BINDING GROWTH FACTOR' 
_struct_keywords.text            'HEPARIN-BINDING GROWTH FACTOR' 
# 
_struct_asym.id                            A 
_struct_asym.pdbx_blank_PDB_chainid_flag   N 
_struct_asym.pdbx_modified                 N 
_struct_asym.entity_id                     1 
_struct_asym.details                       ? 
# 
_struct_ref.id                         1 
_struct_ref.db_name                    UNP 
_struct_ref.db_code                    MK_HUMAN 
_struct_ref.entity_id                  1 
_struct_ref.pdbx_db_accession          P21741 
_struct_ref.pdbx_db_isoform            ? 
_struct_ref.pdbx_seq_one_letter_code   ? 
_struct_ref.pdbx_align_begin           ? 
# 
_struct_ref_seq.align_id                      1 
_struct_ref_seq.ref_id                        1 
_struct_ref_seq.pdbx_PDB_id_code              1MKC 
_struct_ref_seq.pdbx_strand_id                A 
_struct_ref_seq.seq_align_beg                 1 
_struct_ref_seq.pdbx_seq_align_beg_ins_code   ? 
_struct_ref_seq.seq_align_end                 43 
_struct_ref_seq.pdbx_seq_align_end_ins_code   ? 
_struct_ref_seq.pdbx_db_accession             P21741 
_struct_ref_seq.db_align_beg                  84 
_struct_ref_seq.pdbx_db_align_beg_ins_code    ? 
_struct_ref_seq.db_align_end                  126 
_struct_ref_seq.pdbx_db_align_end_ins_code    ? 
_struct_ref_seq.pdbx_auth_seq_align_beg       62 
_struct_ref_seq.pdbx_auth_seq_align_end       104 
# 
_pdbx_struct_assembly.id                   1 
_pdbx_struct_assembly.details              author_defined_assembly 
_pdbx_struct_assembly.method_details       ? 
_pdbx_struct_assembly.oligomeric_details   monomeric 
_pdbx_struct_assembly.oligomeric_count     1 
# 
_pdbx_struct_assembly_gen.assembly_id       1 
_pdbx_struct_assembly_gen.oper_expression   1 
_pdbx_struct_assembly_gen.asym_id_list      A 
# 
_pdbx_struct_oper_list.id                   1 
_pdbx_struct_oper_list.type                 'identity operation' 
_pdbx_struct_oper_list.name                 1_555 
_pdbx_struct_oper_list.symmetry_operation   x,y,z 
_pdbx_struct_oper_list.matrix[1][1]         1.0000000000 
_pdbx_struct_oper_list.matrix[1][2]         0.0000000000 
_pdbx_struct_oper_list.matrix[1][3]         0.0000000000 
_pdbx_struct_oper_list.vector[1]            0.0000000000 
_pdbx_struct_oper_list.matrix[2][1]         0.0000000000 
_pdbx_struct_oper_list.matrix[2][2]         1.0000000000 
_pdbx_struct_oper_list.matrix[2][3]         0.0000000000 
_pdbx_struct_oper_list.vector[2]            0.0000000000 
_pdbx_struct_oper_list.matrix[3][1]         0.0000000000 
_pdbx_struct_oper_list.matrix[3][2]         0.0000000000 
_pdbx_struct_oper_list.matrix[3][3]         1.0000000000 
_pdbx_struct_oper_list.vector[3]            0.0000000000 
# 
_struct_biol.id   1 
# 
loop_
_struct_conn.id 
_struct_conn.conn_type_id 
_struct_conn.pdbx_leaving_atom_flag 
_struct_conn.pdbx_PDB_id 
_struct_conn.ptnr1_label_asym_id 
_struct_conn.ptnr1_label_comp_id 
_struct_conn.ptnr1_label_seq_id 
_struct_conn.ptnr1_label_atom_id 
_struct_conn.pdbx_ptnr1_label_alt_id 
_struct_conn.pdbx_ptnr1_PDB_ins_code 
_struct_conn.pdbx_ptnr1_standard_comp_id 
_struct_conn.ptnr1_symmetry 
_struct_conn.ptnr2_label_asym_id 
_struct_conn.ptnr2_label_comp_id 
_struct_conn.ptnr2_label_seq_id 
_struct_conn.ptnr2_label_atom_id 
_struct_conn.pdbx_ptnr2_label_alt_id 
_struct_conn.pdbx_ptnr2_PDB_ins_code 
_struct_conn.ptnr1_auth_asym_id 
_struct_conn.ptnr1_auth_comp_id 
_struct_conn.ptnr1_auth_seq_id 
_struct_conn.ptnr2_auth_asym_id 
_struct_conn.ptnr2_auth_comp_id 
_struct_conn.ptnr2_auth_seq_id 
_struct_conn.ptnr2_symmetry 
_struct_conn.pdbx_ptnr3_label_atom_id 
_struct_conn.pdbx_ptnr3_label_seq_id 
_struct_conn.pdbx_ptnr3_label_comp_id 
_struct_conn.pdbx_ptnr3_label_asym_id 
_struct_conn.pdbx_ptnr3_label_alt_id 
_struct_conn.pdbx_ptnr3_PDB_ins_code 
_struct_conn.details 
_struct_conn.pdbx_dist_value 
_struct_conn.pdbx_value_order 
_struct_conn.pdbx_role 
disulf1 disulf ? ? A CYS 1  SG ? ? ? 1_555 A CYS 33 SG ? ? A CYS 62 A CYS 94  1_555 ? ? ? ? ? ? ? 2.021 ? ? 
disulf2 disulf ? ? A CYS 11 SG ? ? ? 1_555 A CYS 43 SG ? ? A CYS 72 A CYS 104 1_555 ? ? ? ? ? ? ? 2.023 ? ? 
# 
_struct_conn_type.id          disulf 
_struct_conn_type.criteria    ? 
_struct_conn_type.reference   ? 
# 
loop_
_pdbx_modification_feature.ordinal 
_pdbx_modification_feature.label_comp_id 
_pdbx_modification_feature.label_asym_id 
_pdbx_modification_feature.label_seq_id 
_pdbx_modification_feature.label_alt_id 
_pdbx_modification_feature.modified_residue_label_comp_id 
_pdbx_modification_feature.modified_residue_label_asym_id 
_pdbx_modification_feature.modified_residue_label_seq_id 
_pdbx_modification_feature.modified_residue_label_alt_id 
_pdbx_modification_feature.auth_comp_id 
_pdbx_modification_feature.auth_asym_id 
_pdbx_modification_feature.auth_seq_id 
_pdbx_modification_feature.PDB_ins_code 
_pdbx_modification_feature.symmetry 
_pdbx_modification_feature.modified_residue_auth_comp_id 
_pdbx_modification_feature.modified_residue_auth_asym_id 
_pdbx_modification_feature.modified_residue_auth_seq_id 
_pdbx_modification_feature.modified_residue_PDB_ins_code 
_pdbx_modification_feature.modified_residue_symmetry 
_pdbx_modification_feature.comp_id_linking_atom 
_pdbx_modification_feature.modified_residue_id_linking_atom 
_pdbx_modification_feature.modified_residue_id 
_pdbx_modification_feature.ref_pcm_id 
_pdbx_modification_feature.ref_comp_id 
_pdbx_modification_feature.type 
_pdbx_modification_feature.category 
1 CYS A 1  ? CYS A 33 ? CYS A 62 ? 1_555 CYS A 94  ? 1_555 SG SG . . . None 'Disulfide bridge' 
2 CYS A 11 ? CYS A 43 ? CYS A 72 ? 1_555 CYS A 104 ? 1_555 SG SG . . . None 'Disulfide bridge' 
# 
_struct_sheet.id               B1 
_struct_sheet.type             ? 
_struct_sheet.number_strands   3 
_struct_sheet.details          ? 
# 
loop_
_struct_sheet_order.sheet_id 
_struct_sheet_order.range_id_1 
_struct_sheet_order.range_id_2 
_struct_sheet_order.offset 
_struct_sheet_order.sense 
B1 1 2 ? anti-parallel 
B1 2 3 ? anti-parallel 
# 
loop_
_struct_sheet_range.sheet_id 
_struct_sheet_range.id 
_struct_sheet_range.beg_label_comp_id 
_struct_sheet_range.beg_label_asym_id 
_struct_sheet_range.beg_label_seq_id 
_struct_sheet_range.pdbx_beg_PDB_ins_code 
_struct_sheet_range.end_label_comp_id 
_struct_sheet_range.end_label_asym_id 
_struct_sheet_range.end_label_seq_id 
_struct_sheet_range.pdbx_end_PDB_ins_code 
_struct_sheet_range.beg_auth_comp_id 
_struct_sheet_range.beg_auth_asym_id 
_struct_sheet_range.beg_auth_seq_id 
_struct_sheet_range.end_auth_comp_id 
_struct_sheet_range.end_auth_asym_id 
_struct_sheet_range.end_auth_seq_id 
B1 1 TYR A 3  ? ASP A 12 ? TYR A 64 ASP A 73  
B1 2 THR A 17 ? LEU A 24 ? THR A 78 LEU A 85  
B1 3 THR A 36 ? THR A 40 ? THR A 97 THR A 101 
# 
loop_
_pdbx_struct_sheet_hbond.sheet_id 
_pdbx_struct_sheet_hbond.range_id_1 
_pdbx_struct_sheet_hbond.range_id_2 
_pdbx_struct_sheet_hbond.range_1_label_atom_id 
_pdbx_struct_sheet_hbond.range_1_label_comp_id 
_pdbx_struct_sheet_hbond.range_1_label_asym_id 
_pdbx_struct_sheet_hbond.range_1_label_seq_id 
_pdbx_struct_sheet_hbond.range_1_PDB_ins_code 
_pdbx_struct_sheet_hbond.range_1_auth_atom_id 
_pdbx_struct_sheet_hbond.range_1_auth_comp_id 
_pdbx_struct_sheet_hbond.range_1_auth_asym_id 
_pdbx_struct_sheet_hbond.range_1_auth_seq_id 
_pdbx_struct_sheet_hbond.range_2_label_atom_id 
_pdbx_struct_sheet_hbond.range_2_label_comp_id 
_pdbx_struct_sheet_hbond.range_2_label_asym_id 
_pdbx_struct_sheet_hbond.range_2_label_seq_id 
_pdbx_struct_sheet_hbond.range_2_PDB_ins_code 
_pdbx_struct_sheet_hbond.range_2_auth_atom_id 
_pdbx_struct_sheet_hbond.range_2_auth_comp_id 
_pdbx_struct_sheet_hbond.range_2_auth_asym_id 
_pdbx_struct_sheet_hbond.range_2_auth_seq_id 
B1 1 2 N GLU A 6  ? N GLU A 67 O GLN A 21 ? O GLN A 82  
B1 2 3 N ARG A 20 ? N ARG A 81 O VAL A 39 ? O VAL A 100 
# 
_pdbx_entry_details.entry_id                   1MKC 
_pdbx_entry_details.compound_details           ? 
_pdbx_entry_details.source_details             ? 
_pdbx_entry_details.nonpolymer_details         ? 
_pdbx_entry_details.sequence_details           ? 
_pdbx_entry_details.has_ligand_of_interest     ? 
_pdbx_entry_details.has_protein_modification   Y 
# 
loop_
_pdbx_validate_torsion.id 
_pdbx_validate_torsion.PDB_model_num 
_pdbx_validate_torsion.auth_comp_id 
_pdbx_validate_torsion.auth_asym_id 
_pdbx_validate_torsion.auth_seq_id 
_pdbx_validate_torsion.PDB_ins_code 
_pdbx_validate_torsion.label_alt_id 
_pdbx_validate_torsion.phi 
_pdbx_validate_torsion.psi 
1  1 LYS A 63  ? ? -124.14 -151.93 
2  1 TYR A 64  ? ? -162.50 102.20  
3  1 LYS A 65  ? ? -154.00 85.13   
4  1 PHE A 66  ? ? -169.69 -161.85 
5  1 CYS A 72  ? ? -36.97  158.02  
6  1 ASP A 73  ? ? 83.45   175.16  
7  1 THR A 76  ? ? -130.55 -58.48  
8  1 LYS A 87  ? ? 27.78   93.70   
9  1 TYR A 90  ? ? -120.14 -57.58  
10 1 ALA A 92  ? ? 76.45   -74.31  
11 1 GLN A 95  ? ? -58.30  95.57   
12 1 GLU A 96  ? ? -36.41  -71.58  
13 1 LYS A 102 ? ? -177.31 -60.44  
14 1 PRO A 103 ? ? -78.65  -84.99  
# 
loop_
_pdbx_validate_planes.id 
_pdbx_validate_planes.PDB_model_num 
_pdbx_validate_planes.auth_comp_id 
_pdbx_validate_planes.auth_asym_id 
_pdbx_validate_planes.auth_seq_id 
_pdbx_validate_planes.PDB_ins_code 
_pdbx_validate_planes.label_alt_id 
_pdbx_validate_planes.rmsd 
_pdbx_validate_planes.type 
1 1 ARG A 81 ? ? 0.318 'SIDE CHAIN' 
2 1 ARG A 89 ? ? 0.080 'SIDE CHAIN' 
3 1 ARG A 99 ? ? 0.310 'SIDE CHAIN' 
# 
_pdbx_nmr_ensemble.entry_id                             1MKC 
_pdbx_nmr_ensemble.conformers_calculated_total_number   ? 
_pdbx_nmr_ensemble.conformers_submitted_total_number    1 
_pdbx_nmr_ensemble.conformer_selection_criteria         ? 
# 
_pdbx_nmr_sample_details.solution_id      1 
_pdbx_nmr_sample_details.contents         '10% WATER/90% D2O' 
_pdbx_nmr_sample_details.solvent_system   ? 
# 
_pdbx_nmr_exptl_sample_conditions.conditions_id       1 
_pdbx_nmr_exptl_sample_conditions.temperature         293 
_pdbx_nmr_exptl_sample_conditions.pressure            1 
_pdbx_nmr_exptl_sample_conditions.pH                  5.0 
_pdbx_nmr_exptl_sample_conditions.ionic_strength      ? 
_pdbx_nmr_exptl_sample_conditions.pressure_units      atm 
_pdbx_nmr_exptl_sample_conditions.temperature_units   K 
# 
loop_
_pdbx_nmr_exptl.experiment_id 
_pdbx_nmr_exptl.conditions_id 
_pdbx_nmr_exptl.type 
_pdbx_nmr_exptl.solution_id 
1 1 NOESY 1 
2 1 COSY  1 
# 
_pdbx_nmr_details.entry_id   1MKC 
_pdbx_nmr_details.text       'MEAN STRUCTURE.' 
# 
_pdbx_nmr_refine.entry_id           1MKC 
_pdbx_nmr_refine.method             'distance geometry' 
_pdbx_nmr_refine.details            ? 
_pdbx_nmr_refine.software_ordinal   1 
# 
loop_
_pdbx_nmr_software.classification 
_pdbx_nmr_software.name 
_pdbx_nmr_software.version 
_pdbx_nmr_software.authors 
_pdbx_nmr_software.ordinal 
refinement           X-PLOR 3.1 BRUNGER 1 
'structure solution' X-PLOR ?   ?       2 
# 
loop_
_chem_comp_atom.comp_id 
_chem_comp_atom.atom_id 
_chem_comp_atom.type_symbol 
_chem_comp_atom.pdbx_aromatic_flag 
_chem_comp_atom.pdbx_stereo_config 
_chem_comp_atom.pdbx_ordinal 
ALA N    N N N 1   
ALA CA   C N S 2   
ALA C    C N N 3   
ALA O    O N N 4   
ALA CB   C N N 5   
ALA OXT  O N N 6   
ALA H    H N N 7   
ALA H2   H N N 8   
ALA HA   H N N 9   
ALA HB1  H N N 10  
ALA HB2  H N N 11  
ALA HB3  H N N 12  
ALA HXT  H N N 13  
ARG N    N N N 14  
ARG CA   C N S 15  
ARG C    C N N 16  
ARG O    O N N 17  
ARG CB   C N N 18  
ARG CG   C N N 19  
ARG CD   C N N 20  
ARG NE   N N N 21  
ARG CZ   C N N 22  
ARG NH1  N N N 23  
ARG NH2  N N N 24  
ARG OXT  O N N 25  
ARG H    H N N 26  
ARG H2   H N N 27  
ARG HA   H N N 28  
ARG HB2  H N N 29  
ARG HB3  H N N 30  
ARG HG2  H N N 31  
ARG HG3  H N N 32  
ARG HD2  H N N 33  
ARG HD3  H N N 34  
ARG HE   H N N 35  
ARG HH11 H N N 36  
ARG HH12 H N N 37  
ARG HH21 H N N 38  
ARG HH22 H N N 39  
ARG HXT  H N N 40  
ASN N    N N N 41  
ASN CA   C N S 42  
ASN C    C N N 43  
ASN O    O N N 44  
ASN CB   C N N 45  
ASN CG   C N N 46  
ASN OD1  O N N 47  
ASN ND2  N N N 48  
ASN OXT  O N N 49  
ASN H    H N N 50  
ASN H2   H N N 51  
ASN HA   H N N 52  
ASN HB2  H N N 53  
ASN HB3  H N N 54  
ASN HD21 H N N 55  
ASN HD22 H N N 56  
ASN HXT  H N N 57  
ASP N    N N N 58  
ASP CA   C N S 59  
ASP C    C N N 60  
ASP O    O N N 61  
ASP CB   C N N 62  
ASP CG   C N N 63  
ASP OD1  O N N 64  
ASP OD2  O N N 65  
ASP OXT  O N N 66  
ASP H    H N N 67  
ASP H2   H N N 68  
ASP HA   H N N 69  
ASP HB2  H N N 70  
ASP HB3  H N N 71  
ASP HD2  H N N 72  
ASP HXT  H N N 73  
CYS N    N N N 74  
CYS CA   C N R 75  
CYS C    C N N 76  
CYS O    O N N 77  
CYS CB   C N N 78  
CYS SG   S N N 79  
CYS OXT  O N N 80  
CYS H    H N N 81  
CYS H2   H N N 82  
CYS HA   H N N 83  
CYS HB2  H N N 84  
CYS HB3  H N N 85  
CYS HG   H N N 86  
CYS HXT  H N N 87  
GLN N    N N N 88  
GLN CA   C N S 89  
GLN C    C N N 90  
GLN O    O N N 91  
GLN CB   C N N 92  
GLN CG   C N N 93  
GLN CD   C N N 94  
GLN OE1  O N N 95  
GLN NE2  N N N 96  
GLN OXT  O N N 97  
GLN H    H N N 98  
GLN H2   H N N 99  
GLN HA   H N N 100 
GLN HB2  H N N 101 
GLN HB3  H N N 102 
GLN HG2  H N N 103 
GLN HG3  H N N 104 
GLN HE21 H N N 105 
GLN HE22 H N N 106 
GLN HXT  H N N 107 
GLU N    N N N 108 
GLU CA   C N S 109 
GLU C    C N N 110 
GLU O    O N N 111 
GLU CB   C N N 112 
GLU CG   C N N 113 
GLU CD   C N N 114 
GLU OE1  O N N 115 
GLU OE2  O N N 116 
GLU OXT  O N N 117 
GLU H    H N N 118 
GLU H2   H N N 119 
GLU HA   H N N 120 
GLU HB2  H N N 121 
GLU HB3  H N N 122 
GLU HG2  H N N 123 
GLU HG3  H N N 124 
GLU HE2  H N N 125 
GLU HXT  H N N 126 
GLY N    N N N 127 
GLY CA   C N N 128 
GLY C    C N N 129 
GLY O    O N N 130 
GLY OXT  O N N 131 
GLY H    H N N 132 
GLY H2   H N N 133 
GLY HA2  H N N 134 
GLY HA3  H N N 135 
GLY HXT  H N N 136 
ILE N    N N N 137 
ILE CA   C N S 138 
ILE C    C N N 139 
ILE O    O N N 140 
ILE CB   C N S 141 
ILE CG1  C N N 142 
ILE CG2  C N N 143 
ILE CD1  C N N 144 
ILE OXT  O N N 145 
ILE H    H N N 146 
ILE H2   H N N 147 
ILE HA   H N N 148 
ILE HB   H N N 149 
ILE HG12 H N N 150 
ILE HG13 H N N 151 
ILE HG21 H N N 152 
ILE HG22 H N N 153 
ILE HG23 H N N 154 
ILE HD11 H N N 155 
ILE HD12 H N N 156 
ILE HD13 H N N 157 
ILE HXT  H N N 158 
LEU N    N N N 159 
LEU CA   C N S 160 
LEU C    C N N 161 
LEU O    O N N 162 
LEU CB   C N N 163 
LEU CG   C N N 164 
LEU CD1  C N N 165 
LEU CD2  C N N 166 
LEU OXT  O N N 167 
LEU H    H N N 168 
LEU H2   H N N 169 
LEU HA   H N N 170 
LEU HB2  H N N 171 
LEU HB3  H N N 172 
LEU HG   H N N 173 
LEU HD11 H N N 174 
LEU HD12 H N N 175 
LEU HD13 H N N 176 
LEU HD21 H N N 177 
LEU HD22 H N N 178 
LEU HD23 H N N 179 
LEU HXT  H N N 180 
LYS N    N N N 181 
LYS CA   C N S 182 
LYS C    C N N 183 
LYS O    O N N 184 
LYS CB   C N N 185 
LYS CG   C N N 186 
LYS CD   C N N 187 
LYS CE   C N N 188 
LYS NZ   N N N 189 
LYS OXT  O N N 190 
LYS H    H N N 191 
LYS H2   H N N 192 
LYS HA   H N N 193 
LYS HB2  H N N 194 
LYS HB3  H N N 195 
LYS HG2  H N N 196 
LYS HG3  H N N 197 
LYS HD2  H N N 198 
LYS HD3  H N N 199 
LYS HE2  H N N 200 
LYS HE3  H N N 201 
LYS HZ1  H N N 202 
LYS HZ2  H N N 203 
LYS HZ3  H N N 204 
LYS HXT  H N N 205 
PHE N    N N N 206 
PHE CA   C N S 207 
PHE C    C N N 208 
PHE O    O N N 209 
PHE CB   C N N 210 
PHE CG   C Y N 211 
PHE CD1  C Y N 212 
PHE CD2  C Y N 213 
PHE CE1  C Y N 214 
PHE CE2  C Y N 215 
PHE CZ   C Y N 216 
PHE OXT  O N N 217 
PHE H    H N N 218 
PHE H2   H N N 219 
PHE HA   H N N 220 
PHE HB2  H N N 221 
PHE HB3  H N N 222 
PHE HD1  H N N 223 
PHE HD2  H N N 224 
PHE HE1  H N N 225 
PHE HE2  H N N 226 
PHE HZ   H N N 227 
PHE HXT  H N N 228 
PRO N    N N N 229 
PRO CA   C N S 230 
PRO C    C N N 231 
PRO O    O N N 232 
PRO CB   C N N 233 
PRO CG   C N N 234 
PRO CD   C N N 235 
PRO OXT  O N N 236 
PRO H    H N N 237 
PRO HA   H N N 238 
PRO HB2  H N N 239 
PRO HB3  H N N 240 
PRO HG2  H N N 241 
PRO HG3  H N N 242 
PRO HD2  H N N 243 
PRO HD3  H N N 244 
PRO HXT  H N N 245 
THR N    N N N 246 
THR CA   C N S 247 
THR C    C N N 248 
THR O    O N N 249 
THR CB   C N R 250 
THR OG1  O N N 251 
THR CG2  C N N 252 
THR OXT  O N N 253 
THR H    H N N 254 
THR H2   H N N 255 
THR HA   H N N 256 
THR HB   H N N 257 
THR HG1  H N N 258 
THR HG21 H N N 259 
THR HG22 H N N 260 
THR HG23 H N N 261 
THR HXT  H N N 262 
TRP N    N N N 263 
TRP CA   C N S 264 
TRP C    C N N 265 
TRP O    O N N 266 
TRP CB   C N N 267 
TRP CG   C Y N 268 
TRP CD1  C Y N 269 
TRP CD2  C Y N 270 
TRP NE1  N Y N 271 
TRP CE2  C Y N 272 
TRP CE3  C Y N 273 
TRP CZ2  C Y N 274 
TRP CZ3  C Y N 275 
TRP CH2  C Y N 276 
TRP OXT  O N N 277 
TRP H    H N N 278 
TRP H2   H N N 279 
TRP HA   H N N 280 
TRP HB2  H N N 281 
TRP HB3  H N N 282 
TRP HD1  H N N 283 
TRP HE1  H N N 284 
TRP HE3  H N N 285 
TRP HZ2  H N N 286 
TRP HZ3  H N N 287 
TRP HH2  H N N 288 
TRP HXT  H N N 289 
TYR N    N N N 290 
TYR CA   C N S 291 
TYR C    C N N 292 
TYR O    O N N 293 
TYR CB   C N N 294 
TYR CG   C Y N 295 
TYR CD1  C Y N 296 
TYR CD2  C Y N 297 
TYR CE1  C Y N 298 
TYR CE2  C Y N 299 
TYR CZ   C Y N 300 
TYR OH   O N N 301 
TYR OXT  O N N 302 
TYR H    H N N 303 
TYR H2   H N N 304 
TYR HA   H N N 305 
TYR HB2  H N N 306 
TYR HB3  H N N 307 
TYR HD1  H N N 308 
TYR HD2  H N N 309 
TYR HE1  H N N 310 
TYR HE2  H N N 311 
TYR HH   H N N 312 
TYR HXT  H N N 313 
VAL N    N N N 314 
VAL CA   C N S 315 
VAL C    C N N 316 
VAL O    O N N 317 
VAL CB   C N N 318 
VAL CG1  C N N 319 
VAL CG2  C N N 320 
VAL OXT  O N N 321 
VAL H    H N N 322 
VAL H2   H N N 323 
VAL HA   H N N 324 
VAL HB   H N N 325 
VAL HG11 H N N 326 
VAL HG12 H N N 327 
VAL HG13 H N N 328 
VAL HG21 H N N 329 
VAL HG22 H N N 330 
VAL HG23 H N N 331 
VAL HXT  H N N 332 
# 
loop_
_chem_comp_bond.comp_id 
_chem_comp_bond.atom_id_1 
_chem_comp_bond.atom_id_2 
_chem_comp_bond.value_order 
_chem_comp_bond.pdbx_aromatic_flag 
_chem_comp_bond.pdbx_stereo_config 
_chem_comp_bond.pdbx_ordinal 
ALA N   CA   sing N N 1   
ALA N   H    sing N N 2   
ALA N   H2   sing N N 3   
ALA CA  C    sing N N 4   
ALA CA  CB   sing N N 5   
ALA CA  HA   sing N N 6   
ALA C   O    doub N N 7   
ALA C   OXT  sing N N 8   
ALA CB  HB1  sing N N 9   
ALA CB  HB2  sing N N 10  
ALA CB  HB3  sing N N 11  
ALA OXT HXT  sing N N 12  
ARG N   CA   sing N N 13  
ARG N   H    sing N N 14  
ARG N   H2   sing N N 15  
ARG CA  C    sing N N 16  
ARG CA  CB   sing N N 17  
ARG CA  HA   sing N N 18  
ARG C   O    doub N N 19  
ARG C   OXT  sing N N 20  
ARG CB  CG   sing N N 21  
ARG CB  HB2  sing N N 22  
ARG CB  HB3  sing N N 23  
ARG CG  CD   sing N N 24  
ARG CG  HG2  sing N N 25  
ARG CG  HG3  sing N N 26  
ARG CD  NE   sing N N 27  
ARG CD  HD2  sing N N 28  
ARG CD  HD3  sing N N 29  
ARG NE  CZ   sing N N 30  
ARG NE  HE   sing N N 31  
ARG CZ  NH1  sing N N 32  
ARG CZ  NH2  doub N N 33  
ARG NH1 HH11 sing N N 34  
ARG NH1 HH12 sing N N 35  
ARG NH2 HH21 sing N N 36  
ARG NH2 HH22 sing N N 37  
ARG OXT HXT  sing N N 38  
ASN N   CA   sing N N 39  
ASN N   H    sing N N 40  
ASN N   H2   sing N N 41  
ASN CA  C    sing N N 42  
ASN CA  CB   sing N N 43  
ASN CA  HA   sing N N 44  
ASN C   O    doub N N 45  
ASN C   OXT  sing N N 46  
ASN CB  CG   sing N N 47  
ASN CB  HB2  sing N N 48  
ASN CB  HB3  sing N N 49  
ASN CG  OD1  doub N N 50  
ASN CG  ND2  sing N N 51  
ASN ND2 HD21 sing N N 52  
ASN ND2 HD22 sing N N 53  
ASN OXT HXT  sing N N 54  
ASP N   CA   sing N N 55  
ASP N   H    sing N N 56  
ASP N   H2   sing N N 57  
ASP CA  C    sing N N 58  
ASP CA  CB   sing N N 59  
ASP CA  HA   sing N N 60  
ASP C   O    doub N N 61  
ASP C   OXT  sing N N 62  
ASP CB  CG   sing N N 63  
ASP CB  HB2  sing N N 64  
ASP CB  HB3  sing N N 65  
ASP CG  OD1  doub N N 66  
ASP CG  OD2  sing N N 67  
ASP OD2 HD2  sing N N 68  
ASP OXT HXT  sing N N 69  
CYS N   CA   sing N N 70  
CYS N   H    sing N N 71  
CYS N   H2   sing N N 72  
CYS CA  C    sing N N 73  
CYS CA  CB   sing N N 74  
CYS CA  HA   sing N N 75  
CYS C   O    doub N N 76  
CYS C   OXT  sing N N 77  
CYS CB  SG   sing N N 78  
CYS CB  HB2  sing N N 79  
CYS CB  HB3  sing N N 80  
CYS SG  HG   sing N N 81  
CYS OXT HXT  sing N N 82  
GLN N   CA   sing N N 83  
GLN N   H    sing N N 84  
GLN N   H2   sing N N 85  
GLN CA  C    sing N N 86  
GLN CA  CB   sing N N 87  
GLN CA  HA   sing N N 88  
GLN C   O    doub N N 89  
GLN C   OXT  sing N N 90  
GLN CB  CG   sing N N 91  
GLN CB  HB2  sing N N 92  
GLN CB  HB3  sing N N 93  
GLN CG  CD   sing N N 94  
GLN CG  HG2  sing N N 95  
GLN CG  HG3  sing N N 96  
GLN CD  OE1  doub N N 97  
GLN CD  NE2  sing N N 98  
GLN NE2 HE21 sing N N 99  
GLN NE2 HE22 sing N N 100 
GLN OXT HXT  sing N N 101 
GLU N   CA   sing N N 102 
GLU N   H    sing N N 103 
GLU N   H2   sing N N 104 
GLU CA  C    sing N N 105 
GLU CA  CB   sing N N 106 
GLU CA  HA   sing N N 107 
GLU C   O    doub N N 108 
GLU C   OXT  sing N N 109 
GLU CB  CG   sing N N 110 
GLU CB  HB2  sing N N 111 
GLU CB  HB3  sing N N 112 
GLU CG  CD   sing N N 113 
GLU CG  HG2  sing N N 114 
GLU CG  HG3  sing N N 115 
GLU CD  OE1  doub N N 116 
GLU CD  OE2  sing N N 117 
GLU OE2 HE2  sing N N 118 
GLU OXT HXT  sing N N 119 
GLY N   CA   sing N N 120 
GLY N   H    sing N N 121 
GLY N   H2   sing N N 122 
GLY CA  C    sing N N 123 
GLY CA  HA2  sing N N 124 
GLY CA  HA3  sing N N 125 
GLY C   O    doub N N 126 
GLY C   OXT  sing N N 127 
GLY OXT HXT  sing N N 128 
ILE N   CA   sing N N 129 
ILE N   H    sing N N 130 
ILE N   H2   sing N N 131 
ILE CA  C    sing N N 132 
ILE CA  CB   sing N N 133 
ILE CA  HA   sing N N 134 
ILE C   O    doub N N 135 
ILE C   OXT  sing N N 136 
ILE CB  CG1  sing N N 137 
ILE CB  CG2  sing N N 138 
ILE CB  HB   sing N N 139 
ILE CG1 CD1  sing N N 140 
ILE CG1 HG12 sing N N 141 
ILE CG1 HG13 sing N N 142 
ILE CG2 HG21 sing N N 143 
ILE CG2 HG22 sing N N 144 
ILE CG2 HG23 sing N N 145 
ILE CD1 HD11 sing N N 146 
ILE CD1 HD12 sing N N 147 
ILE CD1 HD13 sing N N 148 
ILE OXT HXT  sing N N 149 
LEU N   CA   sing N N 150 
LEU N   H    sing N N 151 
LEU N   H2   sing N N 152 
LEU CA  C    sing N N 153 
LEU CA  CB   sing N N 154 
LEU CA  HA   sing N N 155 
LEU C   O    doub N N 156 
LEU C   OXT  sing N N 157 
LEU CB  CG   sing N N 158 
LEU CB  HB2  sing N N 159 
LEU CB  HB3  sing N N 160 
LEU CG  CD1  sing N N 161 
LEU CG  CD2  sing N N 162 
LEU CG  HG   sing N N 163 
LEU CD1 HD11 sing N N 164 
LEU CD1 HD12 sing N N 165 
LEU CD1 HD13 sing N N 166 
LEU CD2 HD21 sing N N 167 
LEU CD2 HD22 sing N N 168 
LEU CD2 HD23 sing N N 169 
LEU OXT HXT  sing N N 170 
LYS N   CA   sing N N 171 
LYS N   H    sing N N 172 
LYS N   H2   sing N N 173 
LYS CA  C    sing N N 174 
LYS CA  CB   sing N N 175 
LYS CA  HA   sing N N 176 
LYS C   O    doub N N 177 
LYS C   OXT  sing N N 178 
LYS CB  CG   sing N N 179 
LYS CB  HB2  sing N N 180 
LYS CB  HB3  sing N N 181 
LYS CG  CD   sing N N 182 
LYS CG  HG2  sing N N 183 
LYS CG  HG3  sing N N 184 
LYS CD  CE   sing N N 185 
LYS CD  HD2  sing N N 186 
LYS CD  HD3  sing N N 187 
LYS CE  NZ   sing N N 188 
LYS CE  HE2  sing N N 189 
LYS CE  HE3  sing N N 190 
LYS NZ  HZ1  sing N N 191 
LYS NZ  HZ2  sing N N 192 
LYS NZ  HZ3  sing N N 193 
LYS OXT HXT  sing N N 194 
PHE N   CA   sing N N 195 
PHE N   H    sing N N 196 
PHE N   H2   sing N N 197 
PHE CA  C    sing N N 198 
PHE CA  CB   sing N N 199 
PHE CA  HA   sing N N 200 
PHE C   O    doub N N 201 
PHE C   OXT  sing N N 202 
PHE CB  CG   sing N N 203 
PHE CB  HB2  sing N N 204 
PHE CB  HB3  sing N N 205 
PHE CG  CD1  doub Y N 206 
PHE CG  CD2  sing Y N 207 
PHE CD1 CE1  sing Y N 208 
PHE CD1 HD1  sing N N 209 
PHE CD2 CE2  doub Y N 210 
PHE CD2 HD2  sing N N 211 
PHE CE1 CZ   doub Y N 212 
PHE CE1 HE1  sing N N 213 
PHE CE2 CZ   sing Y N 214 
PHE CE2 HE2  sing N N 215 
PHE CZ  HZ   sing N N 216 
PHE OXT HXT  sing N N 217 
PRO N   CA   sing N N 218 
PRO N   CD   sing N N 219 
PRO N   H    sing N N 220 
PRO CA  C    sing N N 221 
PRO CA  CB   sing N N 222 
PRO CA  HA   sing N N 223 
PRO C   O    doub N N 224 
PRO C   OXT  sing N N 225 
PRO CB  CG   sing N N 226 
PRO CB  HB2  sing N N 227 
PRO CB  HB3  sing N N 228 
PRO CG  CD   sing N N 229 
PRO CG  HG2  sing N N 230 
PRO CG  HG3  sing N N 231 
PRO CD  HD2  sing N N 232 
PRO CD  HD3  sing N N 233 
PRO OXT HXT  sing N N 234 
THR N   CA   sing N N 235 
THR N   H    sing N N 236 
THR N   H2   sing N N 237 
THR CA  C    sing N N 238 
THR CA  CB   sing N N 239 
THR CA  HA   sing N N 240 
THR C   O    doub N N 241 
THR C   OXT  sing N N 242 
THR CB  OG1  sing N N 243 
THR CB  CG2  sing N N 244 
THR CB  HB   sing N N 245 
THR OG1 HG1  sing N N 246 
THR CG2 HG21 sing N N 247 
THR CG2 HG22 sing N N 248 
THR CG2 HG23 sing N N 249 
THR OXT HXT  sing N N 250 
TRP N   CA   sing N N 251 
TRP N   H    sing N N 252 
TRP N   H2   sing N N 253 
TRP CA  C    sing N N 254 
TRP CA  CB   sing N N 255 
TRP CA  HA   sing N N 256 
TRP C   O    doub N N 257 
TRP C   OXT  sing N N 258 
TRP CB  CG   sing N N 259 
TRP CB  HB2  sing N N 260 
TRP CB  HB3  sing N N 261 
TRP CG  CD1  doub Y N 262 
TRP CG  CD2  sing Y N 263 
TRP CD1 NE1  sing Y N 264 
TRP CD1 HD1  sing N N 265 
TRP CD2 CE2  doub Y N 266 
TRP CD2 CE3  sing Y N 267 
TRP NE1 CE2  sing Y N 268 
TRP NE1 HE1  sing N N 269 
TRP CE2 CZ2  sing Y N 270 
TRP CE3 CZ3  doub Y N 271 
TRP CE3 HE3  sing N N 272 
TRP CZ2 CH2  doub Y N 273 
TRP CZ2 HZ2  sing N N 274 
TRP CZ3 CH2  sing Y N 275 
TRP CZ3 HZ3  sing N N 276 
TRP CH2 HH2  sing N N 277 
TRP OXT HXT  sing N N 278 
TYR N   CA   sing N N 279 
TYR N   H    sing N N 280 
TYR N   H2   sing N N 281 
TYR CA  C    sing N N 282 
TYR CA  CB   sing N N 283 
TYR CA  HA   sing N N 284 
TYR C   O    doub N N 285 
TYR C   OXT  sing N N 286 
TYR CB  CG   sing N N 287 
TYR CB  HB2  sing N N 288 
TYR CB  HB3  sing N N 289 
TYR CG  CD1  doub Y N 290 
TYR CG  CD2  sing Y N 291 
TYR CD1 CE1  sing Y N 292 
TYR CD1 HD1  sing N N 293 
TYR CD2 CE2  doub Y N 294 
TYR CD2 HD2  sing N N 295 
TYR CE1 CZ   doub Y N 296 
TYR CE1 HE1  sing N N 297 
TYR CE2 CZ   sing Y N 298 
TYR CE2 HE2  sing N N 299 
TYR CZ  OH   sing N N 300 
TYR OH  HH   sing N N 301 
TYR OXT HXT  sing N N 302 
VAL N   CA   sing N N 303 
VAL N   H    sing N N 304 
VAL N   H2   sing N N 305 
VAL CA  C    sing N N 306 
VAL CA  CB   sing N N 307 
VAL CA  HA   sing N N 308 
VAL C   O    doub N N 309 
VAL C   OXT  sing N N 310 
VAL CB  CG1  sing N N 311 
VAL CB  CG2  sing N N 312 
VAL CB  HB   sing N N 313 
VAL CG1 HG11 sing N N 314 
VAL CG1 HG12 sing N N 315 
VAL CG1 HG13 sing N N 316 
VAL CG2 HG21 sing N N 317 
VAL CG2 HG22 sing N N 318 
VAL CG2 HG23 sing N N 319 
VAL OXT HXT  sing N N 320 
# 
_pdbx_nmr_spectrometer.spectrometer_id   1 
_pdbx_nmr_spectrometer.model             'UNITYPLUS 600' 
_pdbx_nmr_spectrometer.manufacturer      Varian 
_pdbx_nmr_spectrometer.field_strength    600 
_pdbx_nmr_spectrometer.type              ? 
# 
_atom_sites.entry_id                    1MKC 
_atom_sites.fract_transf_matrix[1][1]   1.000000 
_atom_sites.fract_transf_matrix[1][2]   0.000000 
_atom_sites.fract_transf_matrix[1][3]   0.000000 
_atom_sites.fract_transf_matrix[2][1]   0.000000 
_atom_sites.fract_transf_matrix[2][2]   1.000000 
_atom_sites.fract_transf_matrix[2][3]   0.000000 
_atom_sites.fract_transf_matrix[3][1]   0.000000 
_atom_sites.fract_transf_matrix[3][2]   0.000000 
_atom_sites.fract_transf_matrix[3][3]   1.000000 
_atom_sites.fract_transf_vector[1]      0.00000 
_atom_sites.fract_transf_vector[2]      0.00000 
_atom_sites.fract_transf_vector[3]      0.00000 
# 
loop_
_atom_type.symbol 
C 
H 
N 
O 
S 
# 
loop_
_atom_site.group_PDB 
_atom_site.id 
_atom_site.type_symbol 
_atom_site.label_atom_id 
_atom_site.label_alt_id 
_atom_site.label_comp_id 
_atom_site.label_asym_id 
_atom_site.label_entity_id 
_atom_site.label_seq_id 
_atom_site.pdbx_PDB_ins_code 
_atom_site.Cartn_x 
_atom_site.Cartn_y 
_atom_site.Cartn_z 
_atom_site.occupancy 
_atom_site.B_iso_or_equiv 
_atom_site.pdbx_formal_charge 
_atom_site.auth_seq_id 
_atom_site.auth_comp_id 
_atom_site.auth_asym_id 
_atom_site.auth_atom_id 
_atom_site.pdbx_PDB_model_num 
ATOM 1   N N    . CYS A 1 1  ? -8.988  10.258  -0.399  1.00 0.00 ? 62  CYS A N    1 
ATOM 2   C CA   . CYS A 1 1  ? -7.861  9.354   -0.760  1.00 0.00 ? 62  CYS A CA   1 
ATOM 3   C C    . CYS A 1 1  ? -7.819  9.177   -2.279  1.00 0.00 ? 62  CYS A C    1 
ATOM 4   O O    . CYS A 1 1  ? -8.841  9.115   -2.934  1.00 0.00 ? 62  CYS A O    1 
ATOM 5   C CB   . CYS A 1 1  ? -8.066  7.992   -0.092  1.00 0.00 ? 62  CYS A CB   1 
ATOM 6   S SG   . CYS A 1 1  ? -7.699  8.125   1.676   1.00 0.00 ? 62  CYS A SG   1 
ATOM 7   H H1   . CYS A 1 1  ? -9.120  10.964  -1.151  1.00 0.00 ? 62  CYS A H1   1 
ATOM 8   H H2   . CYS A 1 1  ? -9.859  9.702   -0.294  1.00 0.00 ? 62  CYS A H2   1 
ATOM 9   H H3   . CYS A 1 1  ? -8.772  10.740  0.497   1.00 0.00 ? 62  CYS A H3   1 
ATOM 10  H HA   . CYS A 1 1  ? -6.930  9.785   -0.422  1.00 0.00 ? 62  CYS A HA   1 
ATOM 11  H HB2  . CYS A 1 1  ? -9.090  7.678   -0.225  1.00 0.00 ? 62  CYS A HB2  1 
ATOM 12  H HB3  . CYS A 1 1  ? -7.405  7.267   -0.544  1.00 0.00 ? 62  CYS A HB3  1 
ATOM 13  N N    . LYS A 1 2  ? -6.646  9.097   -2.847  1.00 0.00 ? 63  LYS A N    1 
ATOM 14  C CA   . LYS A 1 2  ? -6.545  8.927   -4.325  1.00 0.00 ? 63  LYS A CA   1 
ATOM 15  C C    . LYS A 1 2  ? -5.718  7.678   -4.643  1.00 0.00 ? 63  LYS A C    1 
ATOM 16  O O    . LYS A 1 2  ? -5.679  6.736   -3.877  1.00 0.00 ? 63  LYS A O    1 
ATOM 17  C CB   . LYS A 1 2  ? -5.873  10.156  -4.939  1.00 0.00 ? 63  LYS A CB   1 
ATOM 18  C CG   . LYS A 1 2  ? -6.584  10.528  -6.243  1.00 0.00 ? 63  LYS A CG   1 
ATOM 19  C CD   . LYS A 1 2  ? -6.478  12.037  -6.472  1.00 0.00 ? 63  LYS A CD   1 
ATOM 20  C CE   . LYS A 1 2  ? -7.745  12.720  -5.956  1.00 0.00 ? 63  LYS A CE   1 
ATOM 21  N NZ   . LYS A 1 2  ? -8.577  13.164  -7.111  1.00 0.00 ? 63  LYS A NZ   1 
ATOM 22  H H    . LYS A 1 2  ? -5.832  9.150   -2.303  1.00 0.00 ? 63  LYS A H    1 
ATOM 23  H HA   . LYS A 1 2  ? -7.536  8.814   -4.740  1.00 0.00 ? 63  LYS A HA   1 
ATOM 24  H HB2  . LYS A 1 2  ? -5.935  10.984  -4.246  1.00 0.00 ? 63  LYS A HB2  1 
ATOM 25  H HB3  . LYS A 1 2  ? -4.838  9.936   -5.146  1.00 0.00 ? 63  LYS A HB3  1 
ATOM 26  H HG2  . LYS A 1 2  ? -6.121  10.004  -7.067  1.00 0.00 ? 63  LYS A HG2  1 
ATOM 27  H HG3  . LYS A 1 2  ? -7.625  10.248  -6.178  1.00 0.00 ? 63  LYS A HG3  1 
ATOM 28  H HD2  . LYS A 1 2  ? -5.619  12.422  -5.944  1.00 0.00 ? 63  LYS A HD2  1 
ATOM 29  H HD3  . LYS A 1 2  ? -6.371  12.234  -7.529  1.00 0.00 ? 63  LYS A HD3  1 
ATOM 30  H HE2  . LYS A 1 2  ? -8.310  12.024  -5.353  1.00 0.00 ? 63  LYS A HE2  1 
ATOM 31  H HE3  . LYS A 1 2  ? -7.474  13.578  -5.358  1.00 0.00 ? 63  LYS A HE3  1 
ATOM 32  H HZ1  . LYS A 1 2  ? -8.034  13.055  -7.991  1.00 0.00 ? 63  LYS A HZ1  1 
ATOM 33  H HZ2  . LYS A 1 2  ? -9.437  12.583  -7.163  1.00 0.00 ? 63  LYS A HZ2  1 
ATOM 34  H HZ3  . LYS A 1 2  ? -8.839  14.163  -6.985  1.00 0.00 ? 63  LYS A HZ3  1 
ATOM 35  N N    . TYR A 1 3  ? -5.064  7.663   -5.771  1.00 0.00 ? 64  TYR A N    1 
ATOM 36  C CA   . TYR A 1 3  ? -4.246  6.473   -6.144  1.00 0.00 ? 64  TYR A CA   1 
ATOM 37  C C    . TYR A 1 3  ? -3.257  6.860   -7.255  1.00 0.00 ? 64  TYR A C    1 
ATOM 38  O O    . TYR A 1 3  ? -3.614  6.960   -8.411  1.00 0.00 ? 64  TYR A O    1 
ATOM 39  C CB   . TYR A 1 3  ? -5.173  5.366   -6.653  1.00 0.00 ? 64  TYR A CB   1 
ATOM 40  C CG   . TYR A 1 3  ? -5.854  5.824   -7.921  1.00 0.00 ? 64  TYR A CG   1 
ATOM 41  C CD1  . TYR A 1 3  ? -6.813  6.843   -7.873  1.00 0.00 ? 64  TYR A CD1  1 
ATOM 42  C CD2  . TYR A 1 3  ? -5.523  5.231   -9.144  1.00 0.00 ? 64  TYR A CD2  1 
ATOM 43  C CE1  . TYR A 1 3  ? -7.441  7.269   -9.050  1.00 0.00 ? 64  TYR A CE1  1 
ATOM 44  C CE2  . TYR A 1 3  ? -6.150  5.657   -10.321 1.00 0.00 ? 64  TYR A CE2  1 
ATOM 45  C CZ   . TYR A 1 3  ? -7.110  6.675   -10.274 1.00 0.00 ? 64  TYR A CZ   1 
ATOM 46  O OH   . TYR A 1 3  ? -7.727  7.094   -11.434 1.00 0.00 ? 64  TYR A OH   1 
ATOM 47  H H    . TYR A 1 3  ? -5.113  8.432   -6.376  1.00 0.00 ? 64  TYR A H    1 
ATOM 48  H HA   . TYR A 1 3  ? -3.703  6.115   -5.275  1.00 0.00 ? 64  TYR A HA   1 
ATOM 49  H HB2  . TYR A 1 3  ? -4.596  4.477   -6.855  1.00 0.00 ? 64  TYR A HB2  1 
ATOM 50  H HB3  . TYR A 1 3  ? -5.919  5.149   -5.903  1.00 0.00 ? 64  TYR A HB3  1 
ATOM 51  H HD1  . TYR A 1 3  ? -7.069  7.301   -6.929  1.00 0.00 ? 64  TYR A HD1  1 
ATOM 52  H HD2  . TYR A 1 3  ? -4.783  4.446   -9.181  1.00 0.00 ? 64  TYR A HD2  1 
ATOM 53  H HE1  . TYR A 1 3  ? -8.181  8.053   -9.014  1.00 0.00 ? 64  TYR A HE1  1 
ATOM 54  H HE2  . TYR A 1 3  ? -5.895  5.199   -11.266 1.00 0.00 ? 64  TYR A HE2  1 
ATOM 55  H HH   . TYR A 1 3  ? -7.816  6.335   -12.015 1.00 0.00 ? 64  TYR A HH   1 
ATOM 56  N N    . LYS A 1 4  ? -2.015  7.066   -6.914  1.00 0.00 ? 65  LYS A N    1 
ATOM 57  C CA   . LYS A 1 4  ? -0.996  7.431   -7.945  1.00 0.00 ? 65  LYS A CA   1 
ATOM 58  C C    . LYS A 1 4  ? 0.370   6.982   -7.438  1.00 0.00 ? 65  LYS A C    1 
ATOM 59  O O    . LYS A 1 4  ? 1.103   7.728   -6.819  1.00 0.00 ? 65  LYS A O    1 
ATOM 60  C CB   . LYS A 1 4  ? -1.001  8.945   -8.190  1.00 0.00 ? 65  LYS A CB   1 
ATOM 61  C CG   . LYS A 1 4  ? -0.245  9.250   -9.485  1.00 0.00 ? 65  LYS A CG   1 
ATOM 62  C CD   . LYS A 1 4  ? 1.259   9.118   -9.235  1.00 0.00 ? 65  LYS A CD   1 
ATOM 63  C CE   . LYS A 1 4  ? 2.023   9.941   -10.274 1.00 0.00 ? 65  LYS A CE   1 
ATOM 64  N NZ   . LYS A 1 4  ? 3.343   10.343  -9.714  1.00 0.00 ? 65  LYS A NZ   1 
ATOM 65  H H    . LYS A 1 4  ? -1.744  6.968   -5.976  1.00 0.00 ? 65  LYS A H    1 
ATOM 66  H HA   . LYS A 1 4  ? -1.223  6.914   -8.868  1.00 0.00 ? 65  LYS A HA   1 
ATOM 67  H HB2  . LYS A 1 4  ? -2.019  9.294   -8.276  1.00 0.00 ? 65  LYS A HB2  1 
ATOM 68  H HB3  . LYS A 1 4  ? -0.515  9.449   -7.371  1.00 0.00 ? 65  LYS A HB3  1 
ATOM 69  H HG2  . LYS A 1 4  ? -0.547  8.551   -10.252 1.00 0.00 ? 65  LYS A HG2  1 
ATOM 70  H HG3  . LYS A 1 4  ? -0.468  10.257  -9.804  1.00 0.00 ? 65  LYS A HG3  1 
ATOM 71  H HD2  . LYS A 1 4  ? 1.491   9.481   -8.243  1.00 0.00 ? 65  LYS A HD2  1 
ATOM 72  H HD3  . LYS A 1 4  ? 1.547   8.081   -9.316  1.00 0.00 ? 65  LYS A HD3  1 
ATOM 73  H HE2  . LYS A 1 4  ? 2.175   9.347   -11.162 1.00 0.00 ? 65  LYS A HE2  1 
ATOM 74  H HE3  . LYS A 1 4  ? 1.453   10.824  -10.524 1.00 0.00 ? 65  LYS A HE3  1 
ATOM 75  H HZ1  . LYS A 1 4  ? 3.198   10.909  -8.855  1.00 0.00 ? 65  LYS A HZ1  1 
ATOM 76  H HZ2  . LYS A 1 4  ? 3.895   9.492   -9.481  1.00 0.00 ? 65  LYS A HZ2  1 
ATOM 77  H HZ3  . LYS A 1 4  ? 3.860   10.910  -10.416 1.00 0.00 ? 65  LYS A HZ3  1 
ATOM 78  N N    . PHE A 1 5  ? 0.699   5.748   -7.674  1.00 0.00 ? 66  PHE A N    1 
ATOM 79  C CA   . PHE A 1 5  ? 1.994   5.205   -7.184  1.00 0.00 ? 66  PHE A CA   1 
ATOM 80  C C    . PHE A 1 5  ? 2.234   3.835   -7.812  1.00 0.00 ? 66  PHE A C    1 
ATOM 81  O O    . PHE A 1 5  ? 1.584   3.461   -8.768  1.00 0.00 ? 66  PHE A O    1 
ATOM 82  C CB   . PHE A 1 5  ? 1.899   5.036   -5.667  1.00 0.00 ? 66  PHE A CB   1 
ATOM 83  C CG   . PHE A 1 5  ? 0.650   4.257   -5.282  1.00 0.00 ? 66  PHE A CG   1 
ATOM 84  C CD1  . PHE A 1 5  ? -0.155  3.624   -6.250  1.00 0.00 ? 66  PHE A CD1  1 
ATOM 85  C CD2  . PHE A 1 5  ? 0.298   4.169   -3.931  1.00 0.00 ? 66  PHE A CD2  1 
ATOM 86  C CE1  . PHE A 1 5  ? -1.297  2.917   -5.860  1.00 0.00 ? 66  PHE A CE1  1 
ATOM 87  C CE2  . PHE A 1 5  ? -0.846  3.463   -3.547  1.00 0.00 ? 66  PHE A CE2  1 
ATOM 88  C CZ   . PHE A 1 5  ? -1.643  2.837   -4.510  1.00 0.00 ? 66  PHE A CZ   1 
ATOM 89  H H    . PHE A 1 5  ? 0.082   5.170   -8.156  1.00 0.00 ? 66  PHE A H    1 
ATOM 90  H HA   . PHE A 1 5  ? 2.797   5.884   -7.426  1.00 0.00 ? 66  PHE A HA   1 
ATOM 91  H HB2  . PHE A 1 5  ? 2.767   4.508   -5.307  1.00 0.00 ? 66  PHE A HB2  1 
ATOM 92  H HB3  . PHE A 1 5  ? 1.857   6.011   -5.213  1.00 0.00 ? 66  PHE A HB3  1 
ATOM 93  H HD1  . PHE A 1 5  ? 0.099   3.674   -7.289  1.00 0.00 ? 66  PHE A HD1  1 
ATOM 94  H HD2  . PHE A 1 5  ? 0.909   4.652   -3.182  1.00 0.00 ? 66  PHE A HD2  1 
ATOM 95  H HE1  . PHE A 1 5  ? -1.912  2.434   -6.604  1.00 0.00 ? 66  PHE A HE1  1 
ATOM 96  H HE2  . PHE A 1 5  ? -1.112  3.397   -2.504  1.00 0.00 ? 66  PHE A HE2  1 
ATOM 97  H HZ   . PHE A 1 5  ? -2.526  2.293   -4.210  1.00 0.00 ? 66  PHE A HZ   1 
ATOM 98  N N    . GLU A 1 6  ? 3.110   3.054   -7.248  1.00 0.00 ? 67  GLU A N    1 
ATOM 99  C CA   . GLU A 1 6  ? 3.305   1.691   -7.786  1.00 0.00 ? 67  GLU A CA   1 
ATOM 100 C C    . GLU A 1 6  ? 2.125   0.872   -7.276  1.00 0.00 ? 67  GLU A C    1 
ATOM 101 O O    . GLU A 1 6  ? 1.831   0.872   -6.098  1.00 0.00 ? 67  GLU A O    1 
ATOM 102 C CB   . GLU A 1 6  ? 4.614   1.094   -7.270  1.00 0.00 ? 67  GLU A CB   1 
ATOM 103 C CG   . GLU A 1 6  ? 5.796   1.863   -7.865  1.00 0.00 ? 67  GLU A CG   1 
ATOM 104 C CD   . GLU A 1 6  ? 7.040   0.972   -7.862  1.00 0.00 ? 67  GLU A CD   1 
ATOM 105 O OE1  . GLU A 1 6  ? 7.491   0.623   -6.784  1.00 0.00 ? 67  GLU A OE1  1 
ATOM 106 O OE2  . GLU A 1 6  ? 7.519   0.653   -8.938  1.00 0.00 ? 67  GLU A OE2  1 
ATOM 107 H H    . GLU A 1 6  ? 3.593   3.345   -6.447  1.00 0.00 ? 67  GLU A H    1 
ATOM 108 H HA   . GLU A 1 6  ? 3.301   1.715   -8.867  1.00 0.00 ? 67  GLU A HA   1 
ATOM 109 H HB2  . GLU A 1 6  ? 4.642   1.165   -6.192  1.00 0.00 ? 67  GLU A HB2  1 
ATOM 110 H HB3  . GLU A 1 6  ? 4.674   0.058   -7.567  1.00 0.00 ? 67  GLU A HB3  1 
ATOM 111 H HG2  . GLU A 1 6  ? 5.562   2.152   -8.880  1.00 0.00 ? 67  GLU A HG2  1 
ATOM 112 H HG3  . GLU A 1 6  ? 5.986   2.745   -7.273  1.00 0.00 ? 67  GLU A HG3  1 
ATOM 113 N N    . ASN A 1 7  ? 1.418   0.208   -8.137  1.00 0.00 ? 68  ASN A N    1 
ATOM 114 C CA   . ASN A 1 7  ? 0.235   -0.556  -7.658  1.00 0.00 ? 68  ASN A CA   1 
ATOM 115 C C    . ASN A 1 7  ? 0.692   -1.797  -6.910  1.00 0.00 ? 68  ASN A C    1 
ATOM 116 O O    . ASN A 1 7  ? 1.870   -2.009  -6.705  1.00 0.00 ? 68  ASN A O    1 
ATOM 117 C CB   . ASN A 1 7  ? -0.643  -0.956  -8.847  1.00 0.00 ? 68  ASN A CB   1 
ATOM 118 C CG   . ASN A 1 7  ? -1.756  0.078   -9.028  1.00 0.00 ? 68  ASN A CG   1 
ATOM 119 O OD1  . ASN A 1 7  ? -1.964  0.579   -10.115 1.00 0.00 ? 68  ASN A OD1  1 
ATOM 120 N ND2  . ASN A 1 7  ? -2.486  0.421   -8.002  1.00 0.00 ? 68  ASN A ND2  1 
ATOM 121 H H    . ASN A 1 7  ? 1.644   0.234   -9.090  1.00 0.00 ? 68  ASN A H    1 
ATOM 122 H HA   . ASN A 1 7  ? -0.332  0.067   -6.980  1.00 0.00 ? 68  ASN A HA   1 
ATOM 123 H HB2  . ASN A 1 7  ? -0.038  -0.997  -9.742  1.00 0.00 ? 68  ASN A HB2  1 
ATOM 124 H HB3  . ASN A 1 7  ? -1.080  -1.925  -8.662  1.00 0.00 ? 68  ASN A HB3  1 
ATOM 125 H HD21 . ASN A 1 7  ? -2.319  0.018   -7.124  1.00 0.00 ? 68  ASN A HD21 1 
ATOM 126 H HD22 . ASN A 1 7  ? -3.201  1.083   -8.108  1.00 0.00 ? 68  ASN A HD22 1 
ATOM 127 N N    . TRP A 1 8  ? -0.228  -2.606  -6.467  1.00 0.00 ? 69  TRP A N    1 
ATOM 128 C CA   . TRP A 1 8  ? 0.183   -3.803  -5.701  1.00 0.00 ? 69  TRP A CA   1 
ATOM 129 C C    . TRP A 1 8  ? 0.185   -5.049  -6.584  1.00 0.00 ? 69  TRP A C    1 
ATOM 130 O O    . TRP A 1 8  ? 0.033   -4.977  -7.788  1.00 0.00 ? 69  TRP A O    1 
ATOM 131 C CB   . TRP A 1 8  ? -0.765  -4.016  -4.519  1.00 0.00 ? 69  TRP A CB   1 
ATOM 132 C CG   . TRP A 1 8  ? -0.045  -3.587  -3.297  1.00 0.00 ? 69  TRP A CG   1 
ATOM 133 C CD1  . TRP A 1 8  ? 1.292   -3.706  -3.130  1.00 0.00 ? 69  TRP A CD1  1 
ATOM 134 C CD2  . TRP A 1 8  ? -0.558  -2.971  -2.079  1.00 0.00 ? 69  TRP A CD2  1 
ATOM 135 N NE1  . TRP A 1 8  ? 1.640   -3.172  -1.928  1.00 0.00 ? 69  TRP A NE1  1 
ATOM 136 C CE2  . TRP A 1 8  ? 0.547   -2.722  -1.236  1.00 0.00 ? 69  TRP A CE2  1 
ATOM 137 C CE3  . TRP A 1 8  ? -1.846  -2.593  -1.616  1.00 0.00 ? 69  TRP A CE3  1 
ATOM 138 C CZ2  . TRP A 1 8  ? 0.399   -2.134  -0.007  1.00 0.00 ? 69  TRP A CZ2  1 
ATOM 139 C CZ3  . TRP A 1 8  ? -1.983  -1.989  -0.342  1.00 0.00 ? 69  TRP A CZ3  1 
ATOM 140 C CH2  . TRP A 1 8  ? -0.835  -1.771  0.441   1.00 0.00 ? 69  TRP A CH2  1 
ATOM 141 H H    . TRP A 1 8  ? -1.177  -2.411  -6.616  1.00 0.00 ? 69  TRP A H    1 
ATOM 142 H HA   . TRP A 1 8  ? 1.180   -3.622  -5.320  1.00 0.00 ? 69  TRP A HA   1 
ATOM 143 H HB2  . TRP A 1 8  ? -1.657  -3.421  -4.651  1.00 0.00 ? 69  TRP A HB2  1 
ATOM 144 H HB3  . TRP A 1 8  ? -1.026  -5.060  -4.442  1.00 0.00 ? 69  TRP A HB3  1 
ATOM 145 H HD1  . TRP A 1 8  ? 1.982   -4.128  -3.845  1.00 0.00 ? 69  TRP A HD1  1 
ATOM 146 H HE1  . TRP A 1 8  ? 2.549   -3.114  -1.586  1.00 0.00 ? 69  TRP A HE1  1 
ATOM 147 H HE3  . TRP A 1 8  ? -2.717  -2.768  -2.231  1.00 0.00 ? 69  TRP A HE3  1 
ATOM 148 H HZ2  . TRP A 1 8  ? 1.247   -1.955  0.611   1.00 0.00 ? 69  TRP A HZ2  1 
ATOM 149 H HZ3  . TRP A 1 8  ? -2.963  -1.672  0.023   1.00 0.00 ? 69  TRP A HZ3  1 
ATOM 150 H HH2  . TRP A 1 8  ? -0.894  -1.328  1.398   1.00 0.00 ? 69  TRP A HH2  1 
ATOM 151 N N    . GLY A 1 9  ? 0.359   -6.198  -5.984  1.00 0.00 ? 70  GLY A N    1 
ATOM 152 C CA   . GLY A 1 9  ? 0.375   -7.464  -6.769  1.00 0.00 ? 70  GLY A CA   1 
ATOM 153 C C    . GLY A 1 9  ? 0.196   -8.654  -5.819  1.00 0.00 ? 70  GLY A C    1 
ATOM 154 O O    . GLY A 1 9  ? -0.853  -9.264  -5.766  1.00 0.00 ? 70  GLY A O    1 
ATOM 155 H H    . GLY A 1 9  ? 0.479   -6.226  -5.012  1.00 0.00 ? 70  GLY A H    1 
ATOM 156 H HA2  . GLY A 1 9  ? -0.430  -7.451  -7.490  1.00 0.00 ? 70  GLY A HA2  1 
ATOM 157 H HA3  . GLY A 1 9  ? 1.320   -7.558  -7.283  1.00 0.00 ? 70  GLY A HA3  1 
ATOM 158 N N    . ALA A 1 10 ? 1.215   -8.993  -5.074  1.00 0.00 ? 71  ALA A N    1 
ATOM 159 C CA   . ALA A 1 10 ? 1.108   -10.141 -4.139  1.00 0.00 ? 71  ALA A CA   1 
ATOM 160 C C    . ALA A 1 10 ? 2.107   -9.958  -2.993  1.00 0.00 ? 71  ALA A C    1 
ATOM 161 O O    . ALA A 1 10 ? 3.229   -9.539  -3.198  1.00 0.00 ? 71  ALA A O    1 
ATOM 162 C CB   . ALA A 1 10 ? 1.437   -11.423 -4.896  1.00 0.00 ? 71  ALA A CB   1 
ATOM 163 H H    . ALA A 1 10 ? 2.052   -8.499  -5.132  1.00 0.00 ? 71  ALA A H    1 
ATOM 164 H HA   . ALA A 1 10 ? 0.105   -10.199 -3.744  1.00 0.00 ? 71  ALA A HA   1 
ATOM 165 H HB1  . ALA A 1 10 ? 2.089   -11.186 -5.725  1.00 0.00 ? 71  ALA A HB1  1 
ATOM 166 H HB2  . ALA A 1 10 ? 1.932   -12.118 -4.234  1.00 0.00 ? 71  ALA A HB2  1 
ATOM 167 H HB3  . ALA A 1 10 ? 0.526   -11.866 -5.269  1.00 0.00 ? 71  ALA A HB3  1 
ATOM 168 N N    . CYS A 1 11 ? 1.697   -10.263 -1.791  1.00 0.00 ? 72  CYS A N    1 
ATOM 169 C CA   . CYS A 1 11 ? 2.604   -10.113 -0.610  1.00 0.00 ? 72  CYS A CA   1 
ATOM 170 C C    . CYS A 1 11 ? 4.039   -10.489 -0.992  1.00 0.00 ? 72  CYS A C    1 
ATOM 171 O O    . CYS A 1 11 ? 4.265   -11.208 -1.945  1.00 0.00 ? 72  CYS A O    1 
ATOM 172 C CB   . CYS A 1 11 ? 2.145   -11.040 0.526   1.00 0.00 ? 72  CYS A CB   1 
ATOM 173 S SG   . CYS A 1 11 ? 3.355   -10.928 1.873   1.00 0.00 ? 72  CYS A SG   1 
ATOM 174 H H    . CYS A 1 11 ? 0.786   -10.586 -1.665  1.00 0.00 ? 72  CYS A H    1 
ATOM 175 H HA   . CYS A 1 11 ? 2.580   -9.089  -0.268  1.00 0.00 ? 72  CYS A HA   1 
ATOM 176 H HB2  . CYS A 1 11 ? 1.170   -10.733 0.877   1.00 0.00 ? 72  CYS A HB2  1 
ATOM 177 H HB3  . CYS A 1 11 ? 2.096   -12.056 0.168   1.00 0.00 ? 72  CYS A HB3  1 
ATOM 178 N N    . ASP A 1 12 ? 5.006   -10.010 -0.247  1.00 0.00 ? 73  ASP A N    1 
ATOM 179 C CA   . ASP A 1 12 ? 6.432   -10.337 -0.545  1.00 0.00 ? 73  ASP A CA   1 
ATOM 180 C C    . ASP A 1 12 ? 6.966   -9.396  -1.625  1.00 0.00 ? 73  ASP A C    1 
ATOM 181 O O    . ASP A 1 12 ? 6.244   -8.588  -2.174  1.00 0.00 ? 73  ASP A O    1 
ATOM 182 C CB   . ASP A 1 12 ? 6.547   -11.788 -1.024  1.00 0.00 ? 73  ASP A CB   1 
ATOM 183 C CG   . ASP A 1 12 ? 7.719   -12.467 -0.314  1.00 0.00 ? 73  ASP A CG   1 
ATOM 184 O OD1  . ASP A 1 12 ? 8.846   -12.068 -0.556  1.00 0.00 ? 73  ASP A OD1  1 
ATOM 185 O OD2  . ASP A 1 12 ? 7.469   -13.378 0.460   1.00 0.00 ? 73  ASP A OD2  1 
ATOM 186 H H    . ASP A 1 12 ? 4.793   -9.431  0.517   1.00 0.00 ? 73  ASP A H    1 
ATOM 187 H HA   . ASP A 1 12 ? 7.018   -10.213 0.353   1.00 0.00 ? 73  ASP A HA   1 
ATOM 188 H HB2  . ASP A 1 12 ? 5.632   -12.316 -0.797  1.00 0.00 ? 73  ASP A HB2  1 
ATOM 189 H HB3  . ASP A 1 12 ? 6.718   -11.802 -2.090  1.00 0.00 ? 73  ASP A HB3  1 
ATOM 190 N N    . GLY A 1 13 ? 8.231   -9.493  -1.926  1.00 0.00 ? 74  GLY A N    1 
ATOM 191 C CA   . GLY A 1 13 ? 8.824   -8.604  -2.962  1.00 0.00 ? 74  GLY A CA   1 
ATOM 192 C C    . GLY A 1 13 ? 10.198  -8.124  -2.491  1.00 0.00 ? 74  GLY A C    1 
ATOM 193 O O    . GLY A 1 13 ? 10.936  -7.503  -3.230  1.00 0.00 ? 74  GLY A O    1 
ATOM 194 H H    . GLY A 1 13 ? 8.794   -10.151 -1.466  1.00 0.00 ? 74  GLY A H    1 
ATOM 195 H HA2  . GLY A 1 13 ? 8.929   -9.152  -3.889  1.00 0.00 ? 74  GLY A HA2  1 
ATOM 196 H HA3  . GLY A 1 13 ? 8.181   -7.752  -3.119  1.00 0.00 ? 74  GLY A HA3  1 
ATOM 197 N N    . GLY A 1 14 ? 10.551  -8.407  -1.264  1.00 0.00 ? 75  GLY A N    1 
ATOM 198 C CA   . GLY A 1 14 ? 11.880  -7.967  -0.752  1.00 0.00 ? 75  GLY A CA   1 
ATOM 199 C C    . GLY A 1 14 ? 11.731  -7.346  0.641   1.00 0.00 ? 75  GLY A C    1 
ATOM 200 O O    . GLY A 1 14 ? 12.690  -6.882  1.224   1.00 0.00 ? 75  GLY A O    1 
ATOM 201 H H    . GLY A 1 14 ? 9.945   -8.911  -0.684  1.00 0.00 ? 75  GLY A H    1 
ATOM 202 H HA2  . GLY A 1 14 ? 12.542  -8.820  -0.697  1.00 0.00 ? 75  GLY A HA2  1 
ATOM 203 H HA3  . GLY A 1 14 ? 12.298  -7.234  -1.425  1.00 0.00 ? 75  GLY A HA3  1 
ATOM 204 N N    . THR A 1 15 ? 10.541  -7.328  1.182   1.00 0.00 ? 76  THR A N    1 
ATOM 205 C CA   . THR A 1 15 ? 10.355  -6.730  2.536   1.00 0.00 ? 76  THR A CA   1 
ATOM 206 C C    . THR A 1 15 ? 9.570   -7.694  3.430   1.00 0.00 ? 76  THR A C    1 
ATOM 207 O O    . THR A 1 15 ? 10.036  -8.101  4.476   1.00 0.00 ? 76  THR A O    1 
ATOM 208 C CB   . THR A 1 15 ? 9.591   -5.409  2.411   1.00 0.00 ? 76  THR A CB   1 
ATOM 209 O OG1  . THR A 1 15 ? 8.195   -5.660  2.483   1.00 0.00 ? 76  THR A OG1  1 
ATOM 210 C CG2  . THR A 1 15 ? 9.924   -4.749  1.071   1.00 0.00 ? 76  THR A CG2  1 
ATOM 211 H H    . THR A 1 15 ? 9.775   -7.703  0.701   1.00 0.00 ? 76  THR A H    1 
ATOM 212 H HA   . THR A 1 15 ? 11.322  -6.542  2.978   1.00 0.00 ? 76  THR A HA   1 
ATOM 213 H HB   . THR A 1 15 ? 9.881   -4.748  3.214   1.00 0.00 ? 76  THR A HB   1 
ATOM 214 H HG1  . THR A 1 15 ? 7.905   -5.465  3.378   1.00 0.00 ? 76  THR A HG1  1 
ATOM 215 H HG21 . THR A 1 15 ? 10.902  -5.071  0.745   1.00 0.00 ? 76  THR A HG21 1 
ATOM 216 H HG22 . THR A 1 15 ? 9.187   -5.033  0.336   1.00 0.00 ? 76  THR A HG22 1 
ATOM 217 H HG23 . THR A 1 15 ? 9.920   -3.675  1.189   1.00 0.00 ? 76  THR A HG23 1 
ATOM 218 N N    . GLY A 1 16 ? 8.380   -8.062  3.034   1.00 0.00 ? 77  GLY A N    1 
ATOM 219 C CA   . GLY A 1 16 ? 7.574   -8.997  3.871   1.00 0.00 ? 77  GLY A CA   1 
ATOM 220 C C    . GLY A 1 16 ? 6.107   -8.937  3.442   1.00 0.00 ? 77  GLY A C    1 
ATOM 221 O O    . GLY A 1 16 ? 5.502   -9.941  3.145   1.00 0.00 ? 77  GLY A O    1 
ATOM 222 H H    . GLY A 1 16 ? 8.018   -7.725  2.189   1.00 0.00 ? 77  GLY A H    1 
ATOM 223 H HA2  . GLY A 1 16 ? 7.947   -10.004 3.745   1.00 0.00 ? 77  GLY A HA2  1 
ATOM 224 H HA3  . GLY A 1 16 ? 7.653   -8.711  4.909   1.00 0.00 ? 77  GLY A HA3  1 
ATOM 225 N N    . THR A 1 17 ? 5.541   -7.761  3.402   1.00 0.00 ? 78  THR A N    1 
ATOM 226 C CA   . THR A 1 17 ? 4.113   -7.608  2.983   1.00 0.00 ? 78  THR A CA   1 
ATOM 227 C C    . THR A 1 17 ? 4.089   -6.876  1.648   1.00 0.00 ? 78  THR A C    1 
ATOM 228 O O    . THR A 1 17 ? 5.123   -6.522  1.116   1.00 0.00 ? 78  THR A O    1 
ATOM 229 C CB   . THR A 1 17 ? 3.368   -6.760  4.015   1.00 0.00 ? 78  THR A CB   1 
ATOM 230 O OG1  . THR A 1 17 ? 2.729   -5.681  3.350   1.00 0.00 ? 78  THR A OG1  1 
ATOM 231 C CG2  . THR A 1 17 ? 4.357   -6.211  5.044   1.00 0.00 ? 78  THR A CG2  1 
ATOM 232 H H    . THR A 1 17 ? 6.061   -6.968  3.639   1.00 0.00 ? 78  THR A H    1 
ATOM 233 H HA   . THR A 1 17 ? 3.638   -8.569  2.891   1.00 0.00 ? 78  THR A HA   1 
ATOM 234 H HB   . THR A 1 17 ? 2.628   -7.365  4.516   1.00 0.00 ? 78  THR A HB   1 
ATOM 235 H HG1  . THR A 1 17 ? 3.406   -5.056  3.078   1.00 0.00 ? 78  THR A HG1  1 
ATOM 236 H HG21 . THR A 1 17 ? 4.988   -7.013  5.400   1.00 0.00 ? 78  THR A HG21 1 
ATOM 237 H HG22 . THR A 1 17 ? 4.968   -5.448  4.585   1.00 0.00 ? 78  THR A HG22 1 
ATOM 238 H HG23 . THR A 1 17 ? 3.813   -5.785  5.874   1.00 0.00 ? 78  THR A HG23 1 
ATOM 239 N N    . LYS A 1 18 ? 2.935   -6.585  1.114   1.00 0.00 ? 79  LYS A N    1 
ATOM 240 C CA   . LYS A 1 18 ? 2.930   -5.813  -0.153  1.00 0.00 ? 79  LYS A CA   1 
ATOM 241 C C    . LYS A 1 18 ? 2.915   -4.363  0.249   1.00 0.00 ? 79  LYS A C    1 
ATOM 242 O O    . LYS A 1 18 ? 1.949   -3.905  0.811   1.00 0.00 ? 79  LYS A O    1 
ATOM 243 C CB   . LYS A 1 18 ? 1.677   -6.042  -1.022  1.00 0.00 ? 79  LYS A CB   1 
ATOM 244 C CG   . LYS A 1 18 ? 0.912   -7.300  -0.618  1.00 0.00 ? 79  LYS A CG   1 
ATOM 245 C CD   . LYS A 1 18 ? -0.536  -6.907  -0.318  1.00 0.00 ? 79  LYS A CD   1 
ATOM 246 C CE   . LYS A 1 18 ? -1.399  -7.152  -1.556  1.00 0.00 ? 79  LYS A CE   1 
ATOM 247 N NZ   . LYS A 1 18 ? -1.323  -5.969  -2.457  1.00 0.00 ? 79  LYS A NZ   1 
ATOM 248 H H    . LYS A 1 18 ? 2.093   -6.821  1.566   1.00 0.00 ? 79  LYS A H    1 
ATOM 249 H HA   . LYS A 1 18 ? 3.823   -6.029  -0.721  1.00 0.00 ? 79  LYS A HA   1 
ATOM 250 H HB2  . LYS A 1 18 ? 1.018   -5.184  -0.912  1.00 0.00 ? 79  LYS A HB2  1 
ATOM 251 H HB3  . LYS A 1 18 ? 1.974   -6.124  -2.061  1.00 0.00 ? 79  LYS A HB3  1 
ATOM 252 H HG2  . LYS A 1 18 ? 0.932   -8.008  -1.435  1.00 0.00 ? 79  LYS A HG2  1 
ATOM 253 H HG3  . LYS A 1 18 ? 1.356   -7.745  0.251   1.00 0.00 ? 79  LYS A HG3  1 
ATOM 254 H HD2  . LYS A 1 18 ? -0.905  -7.503  0.497   1.00 0.00 ? 79  LYS A HD2  1 
ATOM 255 H HD3  . LYS A 1 18 ? -0.580  -5.856  -0.048  1.00 0.00 ? 79  LYS A HD3  1 
ATOM 256 H HE2  . LYS A 1 18 ? -1.039  -8.026  -2.078  1.00 0.00 ? 79  LYS A HE2  1 
ATOM 257 H HE3  . LYS A 1 18 ? -2.424  -7.310  -1.255  1.00 0.00 ? 79  LYS A HE3  1 
ATOM 258 H HZ1  . LYS A 1 18 ? -1.539  -5.106  -1.919  1.00 0.00 ? 79  LYS A HZ1  1 
ATOM 259 H HZ2  . LYS A 1 18 ? -0.365  -5.896  -2.855  1.00 0.00 ? 79  LYS A HZ2  1 
ATOM 260 H HZ3  . LYS A 1 18 ? -2.012  -6.079  -3.230  1.00 0.00 ? 79  LYS A HZ3  1 
ATOM 261 N N    . VAL A 1 19 ? 3.933   -3.612  -0.030  1.00 0.00 ? 80  VAL A N    1 
ATOM 262 C CA   . VAL A 1 19 ? 3.845   -2.190  0.357   1.00 0.00 ? 80  VAL A CA   1 
ATOM 263 C C    . VAL A 1 19 ? 3.944   -1.310  -0.860  1.00 0.00 ? 80  VAL A C    1 
ATOM 264 O O    . VAL A 1 19 ? 4.842   -1.434  -1.670  1.00 0.00 ? 80  VAL A O    1 
ATOM 265 C CB   . VAL A 1 19 ? 4.918   -1.783  1.339   1.00 0.00 ? 80  VAL A CB   1 
ATOM 266 C CG1  . VAL A 1 19 ? 6.266   -2.366  0.930   1.00 0.00 ? 80  VAL A CG1  1 
ATOM 267 C CG2  . VAL A 1 19 ? 4.968   -0.251  1.373   1.00 0.00 ? 80  VAL A CG2  1 
ATOM 268 H H    . VAL A 1 19 ? 4.715   -3.967  -0.500  1.00 0.00 ? 80  VAL A H    1 
ATOM 269 H HA   . VAL A 1 19 ? 2.895   -2.031  0.811   1.00 0.00 ? 80  VAL A HA   1 
ATOM 270 H HB   . VAL A 1 19 ? 4.651   -2.144  2.307   1.00 0.00 ? 80  VAL A HB   1 
ATOM 271 H HG11 . VAL A 1 19 ? 6.244   -2.621  -0.119  1.00 0.00 ? 80  VAL A HG11 1 
ATOM 272 H HG12 . VAL A 1 19 ? 7.044   -1.640  1.112   1.00 0.00 ? 80  VAL A HG12 1 
ATOM 273 H HG13 . VAL A 1 19 ? 6.457   -3.256  1.514   1.00 0.00 ? 80  VAL A HG13 1 
ATOM 274 H HG21 . VAL A 1 19 ? 3.990   0.144   1.110   1.00 0.00 ? 80  VAL A HG21 1 
ATOM 275 H HG22 . VAL A 1 19 ? 5.229   0.078   2.367   1.00 0.00 ? 80  VAL A HG22 1 
ATOM 276 H HG23 . VAL A 1 19 ? 5.701   0.109   0.666   1.00 0.00 ? 80  VAL A HG23 1 
ATOM 277 N N    . ARG A 1 20 ? 3.042   -0.394  -0.975  1.00 0.00 ? 81  ARG A N    1 
ATOM 278 C CA   . ARG A 1 20 ? 3.109   0.533   -2.139  1.00 0.00 ? 81  ARG A CA   1 
ATOM 279 C C    . ARG A 1 20 ? 3.190   1.956   -1.600  1.00 0.00 ? 81  ARG A C    1 
ATOM 280 O O    . ARG A 1 20 ? 2.226   2.493   -1.091  1.00 0.00 ? 81  ARG A O    1 
ATOM 281 C CB   . ARG A 1 20 ? 1.872   0.395   -3.032  1.00 0.00 ? 81  ARG A CB   1 
ATOM 282 C CG   . ARG A 1 20 ? 0.649   0.839   -2.233  1.00 0.00 ? 81  ARG A CG   1 
ATOM 283 C CD   . ARG A 1 20 ? -0.508  -0.103  -2.507  1.00 0.00 ? 81  ARG A CD   1 
ATOM 284 N NE   . ARG A 1 20 ? -1.744  0.675   -2.801  1.00 0.00 ? 81  ARG A NE   1 
ATOM 285 C CZ   . ARG A 1 20 ? -2.740  0.108   -3.427  1.00 0.00 ? 81  ARG A CZ   1 
ATOM 286 N NH1  . ARG A 1 20 ? -2.785  0.123   -4.732  1.00 0.00 ? 81  ARG A NH1  1 
ATOM 287 N NH2  . ARG A 1 20 ? -3.687  -0.479  -2.748  1.00 0.00 ? 81  ARG A NH2  1 
ATOM 288 H H    . ARG A 1 20 ? 2.332   -0.302  -0.271  1.00 0.00 ? 81  ARG A H    1 
ATOM 289 H HA   . ARG A 1 20 ? 3.998   0.318   -2.716  1.00 0.00 ? 81  ARG A HA   1 
ATOM 290 H HB2  . ARG A 1 20 ? 1.991   1.036   -3.902  1.00 0.00 ? 81  ARG A HB2  1 
ATOM 291 H HB3  . ARG A 1 20 ? 1.748   -0.643  -3.360  1.00 0.00 ? 81  ARG A HB3  1 
ATOM 292 H HG2  . ARG A 1 20 ? 0.882   0.816   -1.176  1.00 0.00 ? 81  ARG A HG2  1 
ATOM 293 H HG3  . ARG A 1 20 ? 0.375   1.838   -2.516  1.00 0.00 ? 81  ARG A HG3  1 
ATOM 294 H HD2  . ARG A 1 20 ? -0.269  -0.739  -3.346  1.00 0.00 ? 81  ARG A HD2  1 
ATOM 295 H HD3  . ARG A 1 20 ? -0.663  -0.701  -1.635  1.00 0.00 ? 81  ARG A HD3  1 
ATOM 296 H HE   . ARG A 1 20 ? -1.812  1.610   -2.520  1.00 0.00 ? 81  ARG A HE   1 
ATOM 297 H HH11 . ARG A 1 20 ? -2.058  0.569   -5.253  1.00 0.00 ? 81  ARG A HH11 1 
ATOM 298 H HH12 . ARG A 1 20 ? -3.549  -0.311  -5.210  1.00 0.00 ? 81  ARG A HH12 1 
ATOM 299 H HH21 . ARG A 1 20 ? -3.652  -0.493  -1.749  1.00 0.00 ? 81  ARG A HH21 1 
ATOM 300 H HH22 . ARG A 1 20 ? -4.451  -0.912  -3.227  1.00 0.00 ? 81  ARG A HH22 1 
ATOM 301 N N    . GLN A 1 21 ? 4.329   2.577   -1.697  1.00 0.00 ? 82  GLN A N    1 
ATOM 302 C CA   . GLN A 1 21 ? 4.431   3.966   -1.174  1.00 0.00 ? 82  GLN A CA   1 
ATOM 303 C C    . GLN A 1 21 ? 3.816   4.897   -2.193  1.00 0.00 ? 82  GLN A C    1 
ATOM 304 O O    . GLN A 1 21 ? 3.937   4.694   -3.384  1.00 0.00 ? 82  GLN A O    1 
ATOM 305 C CB   . GLN A 1 21 ? 5.897   4.382   -0.936  1.00 0.00 ? 82  GLN A CB   1 
ATOM 306 C CG   . GLN A 1 21 ? 6.045   5.932   -0.923  1.00 0.00 ? 82  GLN A CG   1 
ATOM 307 C CD   . GLN A 1 21 ? 5.965   6.476   0.513   1.00 0.00 ? 82  GLN A CD   1 
ATOM 308 O OE1  . GLN A 1 21 ? 6.896   6.330   1.280   1.00 0.00 ? 82  GLN A OE1  1 
ATOM 309 N NE2  . GLN A 1 21 ? 4.888   7.114   0.910   1.00 0.00 ? 82  GLN A NE2  1 
ATOM 310 H H    . GLN A 1 21 ? 5.095   2.136   -2.114  1.00 0.00 ? 82  GLN A H    1 
ATOM 311 H HA   . GLN A 1 21 ? 3.886   4.024   -0.251  1.00 0.00 ? 82  GLN A HA   1 
ATOM 312 H HB2  . GLN A 1 21 ? 6.229   3.985   0.010   1.00 0.00 ? 82  GLN A HB2  1 
ATOM 313 H HB3  . GLN A 1 21 ? 6.512   3.975   -1.725  1.00 0.00 ? 82  GLN A HB3  1 
ATOM 314 H HG2  . GLN A 1 21 ? 7.006   6.195   -1.340  1.00 0.00 ? 82  GLN A HG2  1 
ATOM 315 H HG3  . GLN A 1 21 ? 5.271   6.395   -1.516  1.00 0.00 ? 82  GLN A HG3  1 
ATOM 316 H HE21 . GLN A 1 21 ? 4.138   7.243   0.293   1.00 0.00 ? 82  GLN A HE21 1 
ATOM 317 H HE22 . GLN A 1 21 ? 4.832   7.472   1.828   1.00 0.00 ? 82  GLN A HE22 1 
ATOM 318 N N    . GLY A 1 22 ? 3.180   5.934   -1.753  1.00 0.00 ? 83  GLY A N    1 
ATOM 319 C CA   . GLY A 1 22 ? 2.602   6.872   -2.753  1.00 0.00 ? 83  GLY A CA   1 
ATOM 320 C C    . GLY A 1 22 ? 1.098   7.002   -2.568  1.00 0.00 ? 83  GLY A C    1 
ATOM 321 O O    . GLY A 1 22 ? 0.521   6.455   -1.651  1.00 0.00 ? 83  GLY A O    1 
ATOM 322 H H    . GLY A 1 22 ? 3.106   6.104   -0.769  1.00 0.00 ? 83  GLY A H    1 
ATOM 323 H HA2  . GLY A 1 22 ? 3.061   7.842   -2.635  1.00 0.00 ? 83  GLY A HA2  1 
ATOM 324 H HA3  . GLY A 1 22 ? 2.808   6.502   -3.744  1.00 0.00 ? 83  GLY A HA3  1 
ATOM 325 N N    . THR A 1 23 ? 0.457   7.739   -3.427  1.00 0.00 ? 84  THR A N    1 
ATOM 326 C CA   . THR A 1 23 ? -1.003  7.935   -3.283  1.00 0.00 ? 84  THR A CA   1 
ATOM 327 C C    . THR A 1 23 ? -1.700  6.582   -3.205  1.00 0.00 ? 84  THR A C    1 
ATOM 328 O O    . THR A 1 23 ? -1.668  5.795   -4.127  1.00 0.00 ? 84  THR A O    1 
ATOM 329 C CB   . THR A 1 23 ? -1.516  8.729   -4.479  1.00 0.00 ? 84  THR A CB   1 
ATOM 330 O OG1  . THR A 1 23 ? -0.588  8.607   -5.537  1.00 0.00 ? 84  THR A OG1  1 
ATOM 331 C CG2  . THR A 1 23 ? -1.662  10.204  -4.106  1.00 0.00 ? 84  THR A CG2  1 
ATOM 332 H H    . THR A 1 23 ? 0.937   8.175   -4.165  1.00 0.00 ? 84  THR A H    1 
ATOM 333 H HA   . THR A 1 23 ? -1.189  8.480   -2.372  1.00 0.00 ? 84  THR A HA   1 
ATOM 334 H HB   . THR A 1 23 ? -2.469  8.341   -4.787  1.00 0.00 ? 84  THR A HB   1 
ATOM 335 H HG1  . THR A 1 23 ? 0.082   9.285   -5.425  1.00 0.00 ? 84  THR A HG1  1 
ATOM 336 H HG21 . THR A 1 23 ? -1.344  10.352  -3.087  1.00 0.00 ? 84  THR A HG21 1 
ATOM 337 H HG22 . THR A 1 23 ? -1.048  10.802  -4.764  1.00 0.00 ? 84  THR A HG22 1 
ATOM 338 H HG23 . THR A 1 23 ? -2.694  10.500  -4.212  1.00 0.00 ? 84  THR A HG23 1 
ATOM 339 N N    . LEU A 1 24 ? -2.326  6.314   -2.095  1.00 0.00 ? 85  LEU A N    1 
ATOM 340 C CA   . LEU A 1 24 ? -3.025  5.012   -1.913  1.00 0.00 ? 85  LEU A CA   1 
ATOM 341 C C    . LEU A 1 24 ? -4.531  5.249   -1.760  1.00 0.00 ? 85  LEU A C    1 
ATOM 342 O O    . LEU A 1 24 ? -4.969  5.960   -0.878  1.00 0.00 ? 85  LEU A O    1 
ATOM 343 C CB   . LEU A 1 24 ? -2.468  4.328   -0.649  1.00 0.00 ? 85  LEU A CB   1 
ATOM 344 C CG   . LEU A 1 24 ? -3.354  3.149   -0.210  1.00 0.00 ? 85  LEU A CG   1 
ATOM 345 C CD1  . LEU A 1 24 ? -4.400  3.657   0.781   1.00 0.00 ? 85  LEU A CD1  1 
ATOM 346 C CD2  . LEU A 1 24 ? -4.065  2.520   -1.414  1.00 0.00 ? 85  LEU A CD2  1 
ATOM 347 H H    . LEU A 1 24 ? -2.330  6.975   -1.376  1.00 0.00 ? 85  LEU A H    1 
ATOM 348 H HA   . LEU A 1 24 ? -2.842  4.388   -2.774  1.00 0.00 ? 85  LEU A HA   1 
ATOM 349 H HB2  . LEU A 1 24 ? -1.470  3.969   -0.843  1.00 0.00 ? 85  LEU A HB2  1 
ATOM 350 H HB3  . LEU A 1 24 ? -2.428  5.053   0.152   1.00 0.00 ? 85  LEU A HB3  1 
ATOM 351 H HG   . LEU A 1 24 ? -2.741  2.396   0.275   1.00 0.00 ? 85  LEU A HG   1 
ATOM 352 H HD11 . LEU A 1 24 ? -4.451  4.740   0.732   1.00 0.00 ? 85  LEU A HD11 1 
ATOM 353 H HD12 . LEU A 1 24 ? -5.360  3.237   0.531   1.00 0.00 ? 85  LEU A HD12 1 
ATOM 354 H HD13 . LEU A 1 24 ? -4.129  3.355   1.781   1.00 0.00 ? 85  LEU A HD13 1 
ATOM 355 H HD21 . LEU A 1 24 ? -3.565  2.803   -2.327  1.00 0.00 ? 85  LEU A HD21 1 
ATOM 356 H HD22 . LEU A 1 24 ? -4.050  1.444   -1.313  1.00 0.00 ? 85  LEU A HD22 1 
ATOM 357 H HD23 . LEU A 1 24 ? -5.088  2.860   -1.441  1.00 0.00 ? 85  LEU A HD23 1 
ATOM 358 N N    . LYS A 1 25 ? -5.325  4.657   -2.613  1.00 0.00 ? 86  LYS A N    1 
ATOM 359 C CA   . LYS A 1 25 ? -6.792  4.835   -2.519  1.00 0.00 ? 86  LYS A CA   1 
ATOM 360 C C    . LYS A 1 25 ? -7.347  3.910   -1.431  1.00 0.00 ? 86  LYS A C    1 
ATOM 361 O O    . LYS A 1 25 ? -7.944  2.893   -1.722  1.00 0.00 ? 86  LYS A O    1 
ATOM 362 C CB   . LYS A 1 25 ? -7.439  4.491   -3.861  1.00 0.00 ? 86  LYS A CB   1 
ATOM 363 C CG   . LYS A 1 25 ? -8.045  5.755   -4.474  1.00 0.00 ? 86  LYS A CG   1 
ATOM 364 C CD   . LYS A 1 25 ? -9.400  5.424   -5.103  1.00 0.00 ? 86  LYS A CD   1 
ATOM 365 C CE   . LYS A 1 25 ? -9.196  4.473   -6.284  1.00 0.00 ? 86  LYS A CE   1 
ATOM 366 N NZ   . LYS A 1 25 ? -10.188 3.363   -6.207  1.00 0.00 ? 86  LYS A NZ   1 
ATOM 367 H H    . LYS A 1 25 ? -4.956  4.095   -3.312  1.00 0.00 ? 86  LYS A H    1 
ATOM 368 H HA   . LYS A 1 25 ? -7.001  5.855   -2.271  1.00 0.00 ? 86  LYS A HA   1 
ATOM 369 H HB2  . LYS A 1 25 ? -6.691  4.088   -4.529  1.00 0.00 ? 86  LYS A HB2  1 
ATOM 370 H HB3  . LYS A 1 25 ? -8.218  3.758   -3.709  1.00 0.00 ? 86  LYS A HB3  1 
ATOM 371 H HG2  . LYS A 1 25 ? -8.177  6.500   -3.702  1.00 0.00 ? 86  LYS A HG2  1 
ATOM 372 H HG3  . LYS A 1 25 ? -7.381  6.140   -5.235  1.00 0.00 ? 86  LYS A HG3  1 
ATOM 373 H HD2  . LYS A 1 25 ? -10.034 4.954   -4.364  1.00 0.00 ? 86  LYS A HD2  1 
ATOM 374 H HD3  . LYS A 1 25 ? -9.866  6.334   -5.452  1.00 0.00 ? 86  LYS A HD3  1 
ATOM 375 H HE2  . LYS A 1 25 ? -9.333  5.013   -7.209  1.00 0.00 ? 86  LYS A HE2  1 
ATOM 376 H HE3  . LYS A 1 25 ? -8.196  4.066   -6.249  1.00 0.00 ? 86  LYS A HE3  1 
ATOM 377 H HZ1  . LYS A 1 25 ? -10.868 3.558   -5.443  1.00 0.00 ? 86  LYS A HZ1  1 
ATOM 378 H HZ2  . LYS A 1 25 ? -10.694 3.288   -7.111  1.00 0.00 ? 86  LYS A HZ2  1 
ATOM 379 H HZ3  . LYS A 1 25 ? -9.694  2.470   -6.013  1.00 0.00 ? 86  LYS A HZ3  1 
ATOM 380 N N    . LYS A 1 26 ? -7.138  4.266   -0.186  1.00 0.00 ? 87  LYS A N    1 
ATOM 381 C CA   . LYS A 1 26 ? -7.625  3.441   0.967   1.00 0.00 ? 87  LYS A CA   1 
ATOM 382 C C    . LYS A 1 26 ? -7.725  1.960   0.588   1.00 0.00 ? 87  LYS A C    1 
ATOM 383 O O    . LYS A 1 26 ? -8.726  1.511   0.069   1.00 0.00 ? 87  LYS A O    1 
ATOM 384 C CB   . LYS A 1 26 ? -8.997  3.947   1.427   1.00 0.00 ? 87  LYS A CB   1 
ATOM 385 C CG   . LYS A 1 26 ? -10.055 3.674   0.353   1.00 0.00 ? 87  LYS A CG   1 
ATOM 386 C CD   . LYS A 1 26 ? -11.003 2.574   0.838   1.00 0.00 ? 87  LYS A CD   1 
ATOM 387 C CE   . LYS A 1 26 ? -12.450 2.996   0.578   1.00 0.00 ? 87  LYS A CE   1 
ATOM 388 N NZ   . LYS A 1 26 ? -13.281 1.786   0.319   1.00 0.00 ? 87  LYS A NZ   1 
ATOM 389 H H    . LYS A 1 26 ? -6.646  5.093   -0.005  1.00 0.00 ? 87  LYS A H    1 
ATOM 390 H HA   . LYS A 1 26 ? -6.927  3.542   1.785   1.00 0.00 ? 87  LYS A HA   1 
ATOM 391 H HB2  . LYS A 1 26 ? -9.274  3.438   2.339   1.00 0.00 ? 87  LYS A HB2  1 
ATOM 392 H HB3  . LYS A 1 26 ? -8.943  5.008   1.613   1.00 0.00 ? 87  LYS A HB3  1 
ATOM 393 H HG2  . LYS A 1 26 ? -10.616 4.577   0.163   1.00 0.00 ? 87  LYS A HG2  1 
ATOM 394 H HG3  . LYS A 1 26 ? -9.572  3.353   -0.555  1.00 0.00 ? 87  LYS A HG3  1 
ATOM 395 H HD2  . LYS A 1 26 ? -10.794 1.658   0.305   1.00 0.00 ? 87  LYS A HD2  1 
ATOM 396 H HD3  . LYS A 1 26 ? -10.860 2.416   1.895   1.00 0.00 ? 87  LYS A HD3  1 
ATOM 397 H HE2  . LYS A 1 26 ? -12.833 3.518   1.442   1.00 0.00 ? 87  LYS A HE2  1 
ATOM 398 H HE3  . LYS A 1 26 ? -12.486 3.648   -0.283  1.00 0.00 ? 87  LYS A HE3  1 
ATOM 399 H HZ1  . LYS A 1 26 ? -13.132 1.093   1.080   1.00 0.00 ? 87  LYS A HZ1  1 
ATOM 400 H HZ2  . LYS A 1 26 ? -14.284 2.054   0.289   1.00 0.00 ? 87  LYS A HZ2  1 
ATOM 401 H HZ3  . LYS A 1 26 ? -13.005 1.366   -0.593  1.00 0.00 ? 87  LYS A HZ3  1 
ATOM 402 N N    . ALA A 1 27 ? -6.703  1.188   0.848   1.00 0.00 ? 88  ALA A N    1 
ATOM 403 C CA   . ALA A 1 27 ? -6.773  -0.253  0.503   1.00 0.00 ? 88  ALA A CA   1 
ATOM 404 C C    . ALA A 1 27 ? -7.537  -1.006  1.581   1.00 0.00 ? 88  ALA A C    1 
ATOM 405 O O    . ALA A 1 27 ? -7.781  -2.191  1.473   1.00 0.00 ? 88  ALA A O    1 
ATOM 406 C CB   . ALA A 1 27 ? -5.363  -0.813  0.416   1.00 0.00 ? 88  ALA A CB   1 
ATOM 407 H H    . ALA A 1 27 ? -5.894  1.548   1.269   1.00 0.00 ? 88  ALA A H    1 
ATOM 408 H HA   . ALA A 1 27 ? -7.274  -0.368  -0.426  1.00 0.00 ? 88  ALA A HA   1 
ATOM 409 H HB1  . ALA A 1 27 ? -4.776  -0.211  -0.259  1.00 0.00 ? 88  ALA A HB1  1 
ATOM 410 H HB2  . ALA A 1 27 ? -4.919  -0.789  1.401   1.00 0.00 ? 88  ALA A HB2  1 
ATOM 411 H HB3  . ALA A 1 27 ? -5.399  -1.831  0.060   1.00 0.00 ? 88  ALA A HB3  1 
ATOM 412 N N    . ARG A 1 28 ? -7.880  -0.328  2.627   1.00 0.00 ? 89  ARG A N    1 
ATOM 413 C CA   . ARG A 1 28 ? -8.598  -0.984  3.749   1.00 0.00 ? 89  ARG A CA   1 
ATOM 414 C C    . ARG A 1 28 ? -7.552  -1.725  4.565   1.00 0.00 ? 89  ARG A C    1 
ATOM 415 O O    . ARG A 1 28 ? -7.813  -2.718  5.215   1.00 0.00 ? 89  ARG A O    1 
ATOM 416 C CB   . ARG A 1 28 ? -9.633  -1.955  3.191   1.00 0.00 ? 89  ARG A CB   1 
ATOM 417 C CG   . ARG A 1 28 ? -10.920 -1.874  4.015   1.00 0.00 ? 89  ARG A CG   1 
ATOM 418 C CD   . ARG A 1 28 ? -12.117 -2.207  3.121   1.00 0.00 ? 89  ARG A CD   1 
ATOM 419 N NE   . ARG A 1 28 ? -13.287 -2.573  3.967   1.00 0.00 ? 89  ARG A NE   1 
ATOM 420 C CZ   . ARG A 1 28 ? -14.434 -2.848  3.409   1.00 0.00 ? 89  ARG A CZ   1 
ATOM 421 N NH1  . ARG A 1 28 ? -14.647 -2.527  2.162   1.00 0.00 ? 89  ARG A NH1  1 
ATOM 422 N NH2  . ARG A 1 28 ? -15.368 -3.444  4.097   1.00 0.00 ? 89  ARG A NH2  1 
ATOM 423 H H    . ARG A 1 28 ? -7.631  0.607   2.684   1.00 0.00 ? 89  ARG A H    1 
ATOM 424 H HA   . ARG A 1 28 ? -9.081  -0.236  4.364   1.00 0.00 ? 89  ARG A HA   1 
ATOM 425 H HB2  . ARG A 1 28 ? -9.842  -1.687  2.166   1.00 0.00 ? 89  ARG A HB2  1 
ATOM 426 H HB3  . ARG A 1 28 ? -9.242  -2.959  3.230   1.00 0.00 ? 89  ARG A HB3  1 
ATOM 427 H HG2  . ARG A 1 28 ? -10.871 -2.581  4.831   1.00 0.00 ? 89  ARG A HG2  1 
ATOM 428 H HG3  . ARG A 1 28 ? -11.035 -0.876  4.410   1.00 0.00 ? 89  ARG A HG3  1 
ATOM 429 H HD2  . ARG A 1 28 ? -12.364 -1.347  2.517   1.00 0.00 ? 89  ARG A HD2  1 
ATOM 430 H HD3  . ARG A 1 28 ? -11.864 -3.037  2.477   1.00 0.00 ? 89  ARG A HD3  1 
ATOM 431 H HE   . ARG A 1 28 ? -13.195 -2.608  4.942   1.00 0.00 ? 89  ARG A HE   1 
ATOM 432 H HH11 . ARG A 1 28 ? -13.931 -2.071  1.633   1.00 0.00 ? 89  ARG A HH11 1 
ATOM 433 H HH12 . ARG A 1 28 ? -15.526 -2.738  1.734   1.00 0.00 ? 89  ARG A HH12 1 
ATOM 434 H HH21 . ARG A 1 28 ? -15.205 -3.691  5.053   1.00 0.00 ? 89  ARG A HH21 1 
ATOM 435 H HH22 . ARG A 1 28 ? -16.247 -3.655  3.670   1.00 0.00 ? 89  ARG A HH22 1 
ATOM 436 N N    . TYR A 1 29 ? -6.353  -1.222  4.507   1.00 0.00 ? 90  TYR A N    1 
ATOM 437 C CA   . TYR A 1 29 ? -5.218  -1.827  5.234   1.00 0.00 ? 90  TYR A CA   1 
ATOM 438 C C    . TYR A 1 29 ? -4.684  -0.779  6.189   1.00 0.00 ? 90  TYR A C    1 
ATOM 439 O O    . TYR A 1 29 ? -4.642  -0.958  7.390   1.00 0.00 ? 90  TYR A O    1 
ATOM 440 C CB   . TYR A 1 29 ? -4.146  -2.184  4.209   1.00 0.00 ? 90  TYR A CB   1 
ATOM 441 C CG   . TYR A 1 29 ? -4.665  -3.292  3.324   1.00 0.00 ? 90  TYR A CG   1 
ATOM 442 C CD1  . TYR A 1 29 ? -5.405  -4.343  3.882   1.00 0.00 ? 90  TYR A CD1  1 
ATOM 443 C CD2  . TYR A 1 29 ? -4.418  -3.264  1.947   1.00 0.00 ? 90  TYR A CD2  1 
ATOM 444 C CE1  . TYR A 1 29 ? -5.897  -5.364  3.062   1.00 0.00 ? 90  TYR A CE1  1 
ATOM 445 C CE2  . TYR A 1 29 ? -4.908  -4.288  1.127   1.00 0.00 ? 90  TYR A CE2  1 
ATOM 446 C CZ   . TYR A 1 29 ? -5.648  -5.337  1.685   1.00 0.00 ? 90  TYR A CZ   1 
ATOM 447 O OH   . TYR A 1 29 ? -6.133  -6.345  0.878   1.00 0.00 ? 90  TYR A OH   1 
ATOM 448 H H    . TYR A 1 29 ? -6.196  -0.421  3.967   1.00 0.00 ? 90  TYR A H    1 
ATOM 449 H HA   . TYR A 1 29 ? -5.533  -2.699  5.771   1.00 0.00 ? 90  TYR A HA   1 
ATOM 450 H HB2  . TYR A 1 29 ? -3.925  -1.306  3.603   1.00 0.00 ? 90  TYR A HB2  1 
ATOM 451 H HB3  . TYR A 1 29 ? -3.250  -2.510  4.716   1.00 0.00 ? 90  TYR A HB3  1 
ATOM 452 H HD1  . TYR A 1 29 ? -5.596  -4.364  4.944   1.00 0.00 ? 90  TYR A HD1  1 
ATOM 453 H HD2  . TYR A 1 29 ? -3.847  -2.454  1.516   1.00 0.00 ? 90  TYR A HD2  1 
ATOM 454 H HE1  . TYR A 1 29 ? -6.466  -6.175  3.493   1.00 0.00 ? 90  TYR A HE1  1 
ATOM 455 H HE2  . TYR A 1 29 ? -4.717  -4.267  0.065   1.00 0.00 ? 90  TYR A HE2  1 
ATOM 456 H HH   . TYR A 1 29 ? -6.750  -6.869  1.395   1.00 0.00 ? 90  TYR A HH   1 
ATOM 457 N N    . ASN A 1 30 ? -4.305  0.328   5.642   1.00 0.00 ? 91  ASN A N    1 
ATOM 458 C CA   . ASN A 1 30 ? -3.796  1.441   6.482   1.00 0.00 ? 91  ASN A CA   1 
ATOM 459 C C    . ASN A 1 30 ? -4.959  1.993   7.290   1.00 0.00 ? 91  ASN A C    1 
ATOM 460 O O    . ASN A 1 30 ? -4.795  2.429   8.409   1.00 0.00 ? 91  ASN A O    1 
ATOM 461 C CB   . ASN A 1 30 ? -3.210  2.552   5.604   1.00 0.00 ? 91  ASN A CB   1 
ATOM 462 C CG   . ASN A 1 30 ? -3.894  2.547   4.237   1.00 0.00 ? 91  ASN A CG   1 
ATOM 463 O OD1  . ASN A 1 30 ? -3.281  2.219   3.244   1.00 0.00 ? 91  ASN A OD1  1 
ATOM 464 N ND2  . ASN A 1 30 ? -5.152  2.880   4.145   1.00 0.00 ? 91  ASN A ND2  1 
ATOM 465 H H    . ASN A 1 30 ? -4.379  0.427   4.676   1.00 0.00 ? 91  ASN A H    1 
ATOM 466 H HA   . ASN A 1 30 ? -3.045  1.069   7.151   1.00 0.00 ? 91  ASN A HA   1 
ATOM 467 H HB2  . ASN A 1 30 ? -3.368  3.508   6.082   1.00 0.00 ? 91  ASN A HB2  1 
ATOM 468 H HB3  . ASN A 1 30 ? -2.150  2.387   5.475   1.00 0.00 ? 91  ASN A HB3  1 
ATOM 469 H HD21 . ASN A 1 30 ? -5.651  3.132   4.948   1.00 0.00 ? 91  ASN A HD21 1 
ATOM 470 H HD22 . ASN A 1 30 ? -5.598  2.875   3.273   1.00 0.00 ? 91  ASN A HD22 1 
ATOM 471 N N    . ALA A 1 31 ? -6.140  1.957   6.728   1.00 0.00 ? 92  ALA A N    1 
ATOM 472 C CA   . ALA A 1 31 ? -7.334  2.465   7.462   1.00 0.00 ? 92  ALA A CA   1 
ATOM 473 C C    . ALA A 1 31 ? -7.341  3.992   7.450   1.00 0.00 ? 92  ALA A C    1 
ATOM 474 O O    . ALA A 1 31 ? -8.093  4.612   6.723   1.00 0.00 ? 92  ALA A O    1 
ATOM 475 C CB   . ALA A 1 31 ? -7.261  1.976   8.892   1.00 0.00 ? 92  ALA A CB   1 
ATOM 476 H H    . ALA A 1 31 ? -6.239  1.582   5.827   1.00 0.00 ? 92  ALA A H    1 
ATOM 477 H HA   . ALA A 1 31 ? -8.235  2.093   6.996   1.00 0.00 ? 92  ALA A HA   1 
ATOM 478 H HB1  . ALA A 1 31 ? -6.870  0.972   8.900   1.00 0.00 ? 92  ALA A HB1  1 
ATOM 479 H HB2  . ALA A 1 31 ? -6.604  2.623   9.447   1.00 0.00 ? 92  ALA A HB2  1 
ATOM 480 H HB3  . ALA A 1 31 ? -8.246  1.991   9.330   1.00 0.00 ? 92  ALA A HB3  1 
ATOM 481 N N    . GLN A 1 32 ? -6.490  4.613   8.229   1.00 0.00 ? 93  GLN A N    1 
ATOM 482 C CA   . GLN A 1 32 ? -6.444  6.100   8.223   1.00 0.00 ? 93  GLN A CA   1 
ATOM 483 C C    . GLN A 1 32 ? -6.312  6.536   6.781   1.00 0.00 ? 93  GLN A C    1 
ATOM 484 O O    . GLN A 1 32 ? -6.702  7.618   6.386   1.00 0.00 ? 93  GLN A O    1 
ATOM 485 C CB   . GLN A 1 32 ? -5.249  6.598   9.038   1.00 0.00 ? 93  GLN A CB   1 
ATOM 486 C CG   . GLN A 1 32 ? -5.294  5.983   10.438  1.00 0.00 ? 93  GLN A CG   1 
ATOM 487 C CD   . GLN A 1 32 ? -4.402  6.792   11.382  1.00 0.00 ? 93  GLN A CD   1 
ATOM 488 O OE1  . GLN A 1 32 ? -3.498  6.255   11.992  1.00 0.00 ? 93  GLN A OE1  1 
ATOM 489 N NE2  . GLN A 1 32 ? -4.618  8.071   11.529  1.00 0.00 ? 93  GLN A NE2  1 
ATOM 490 H H    . GLN A 1 32 ? -5.875  4.107   8.789   1.00 0.00 ? 93  GLN A H    1 
ATOM 491 H HA   . GLN A 1 32 ? -7.352  6.481   8.623   1.00 0.00 ? 93  GLN A HA   1 
ATOM 492 H HB2  . GLN A 1 32 ? -4.331  6.310   8.546   1.00 0.00 ? 93  GLN A HB2  1 
ATOM 493 H HB3  . GLN A 1 32 ? -5.291  7.674   9.118   1.00 0.00 ? 93  GLN A HB3  1 
ATOM 494 H HG2  . GLN A 1 32 ? -6.310  5.995   10.804  1.00 0.00 ? 93  GLN A HG2  1 
ATOM 495 H HG3  . GLN A 1 32 ? -4.938  4.965   10.395  1.00 0.00 ? 93  GLN A HG3  1 
ATOM 496 H HE21 . GLN A 1 32 ? -5.347  8.505   11.038  1.00 0.00 ? 93  GLN A HE21 1 
ATOM 497 H HE22 . GLN A 1 32 ? -4.053  8.597   12.133  1.00 0.00 ? 93  GLN A HE22 1 
ATOM 498 N N    . CYS A 1 33 ? -5.798  5.656   5.996   1.00 0.00 ? 94  CYS A N    1 
ATOM 499 C CA   . CYS A 1 33 ? -5.650  5.916   4.542   1.00 0.00 ? 94  CYS A CA   1 
ATOM 500 C C    . CYS A 1 33 ? -4.695  7.066   4.252   1.00 0.00 ? 94  CYS A C    1 
ATOM 501 O O    . CYS A 1 33 ? -4.940  7.846   3.356   1.00 0.00 ? 94  CYS A O    1 
ATOM 502 C CB   . CYS A 1 33 ? -7.013  6.252   3.953   1.00 0.00 ? 94  CYS A CB   1 
ATOM 503 S SG   . CYS A 1 33 ? -6.886  6.337   2.150   1.00 0.00 ? 94  CYS A SG   1 
ATOM 504 H H    . CYS A 1 33 ? -5.536  4.788   6.369   1.00 0.00 ? 94  CYS A H    1 
ATOM 505 H HA   . CYS A 1 33 ? -5.273  5.030   4.065   1.00 0.00 ? 94  CYS A HA   1 
ATOM 506 H HB2  . CYS A 1 33 ? -7.723  5.487   4.230   1.00 0.00 ? 94  CYS A HB2  1 
ATOM 507 H HB3  . CYS A 1 33 ? -7.340  7.205   4.338   1.00 0.00 ? 94  CYS A HB3  1 
ATOM 508 N N    . GLN A 1 34 ? -3.591  7.166   4.937   1.00 0.00 ? 95  GLN A N    1 
ATOM 509 C CA   . GLN A 1 34 ? -2.646  8.261   4.579   1.00 0.00 ? 95  GLN A CA   1 
ATOM 510 C C    . GLN A 1 34 ? -2.305  8.023   3.115   1.00 0.00 ? 95  GLN A C    1 
ATOM 511 O O    . GLN A 1 34 ? -1.475  7.208   2.780   1.00 0.00 ? 95  GLN A O    1 
ATOM 512 C CB   . GLN A 1 34 ? -1.373  8.216   5.426   1.00 0.00 ? 95  GLN A CB   1 
ATOM 513 C CG   . GLN A 1 34 ? -0.439  9.355   4.989   1.00 0.00 ? 95  GLN A CG   1 
ATOM 514 C CD   . GLN A 1 34 ? 0.884   9.284   5.761   1.00 0.00 ? 95  GLN A CD   1 
ATOM 515 O OE1  . GLN A 1 34 ? 0.888   9.097   6.962   1.00 0.00 ? 95  GLN A OE1  1 
ATOM 516 N NE2  . GLN A 1 34 ? 2.018   9.422   5.118   1.00 0.00 ? 95  GLN A NE2  1 
ATOM 517 H H    . GLN A 1 34 ? -3.375  6.512   5.631   1.00 0.00 ? 95  GLN A H    1 
ATOM 518 H HA   . GLN A 1 34 ? -3.136  9.220   4.689   1.00 0.00 ? 95  GLN A HA   1 
ATOM 519 H HB2  . GLN A 1 34 ? -1.630  8.336   6.468   1.00 0.00 ? 95  GLN A HB2  1 
ATOM 520 H HB3  . GLN A 1 34 ? -0.880  7.271   5.281   1.00 0.00 ? 95  GLN A HB3  1 
ATOM 521 H HG2  . GLN A 1 34 ? -0.242  9.270   3.932   1.00 0.00 ? 95  GLN A HG2  1 
ATOM 522 H HG3  . GLN A 1 34 ? -0.915  10.303  5.188   1.00 0.00 ? 95  GLN A HG3  1 
ATOM 523 H HE21 . GLN A 1 34 ? 2.020   9.568   4.145   1.00 0.00 ? 95  GLN A HE21 1 
ATOM 524 H HE22 . GLN A 1 34 ? 2.867   9.373   5.604   1.00 0.00 ? 95  GLN A HE22 1 
ATOM 525 N N    . GLU A 1 35 ? -2.998  8.687   2.251   1.00 0.00 ? 96  GLU A N    1 
ATOM 526 C CA   . GLU A 1 35 ? -2.810  8.484   0.796   1.00 0.00 ? 96  GLU A CA   1 
ATOM 527 C C    . GLU A 1 35 ? -1.355  8.228   0.442   1.00 0.00 ? 96  GLU A C    1 
ATOM 528 O O    . GLU A 1 35 ? -0.992  7.125   0.085   1.00 0.00 ? 96  GLU A O    1 
ATOM 529 C CB   . GLU A 1 35 ? -3.359  9.704   0.068   1.00 0.00 ? 96  GLU A CB   1 
ATOM 530 C CG   . GLU A 1 35 ? -2.766  9.803   -1.331  1.00 0.00 ? 96  GLU A CG   1 
ATOM 531 C CD   . GLU A 1 35 ? -3.427  10.969  -2.069  1.00 0.00 ? 96  GLU A CD   1 
ATOM 532 O OE1  . GLU A 1 35 ? -3.035  12.098  -1.823  1.00 0.00 ? 96  GLU A OE1  1 
ATOM 533 O OE2  . GLU A 1 35 ? -4.313  10.713  -2.867  1.00 0.00 ? 96  GLU A OE2  1 
ATOM 534 H H    . GLU A 1 35 ? -3.682  9.304   2.562   1.00 0.00 ? 96  GLU A H    1 
ATOM 535 H HA   . GLU A 1 35 ? -3.377  7.622   0.490   1.00 0.00 ? 96  GLU A HA   1 
ATOM 536 H HB2  . GLU A 1 35 ? -4.434  9.606   -0.009  1.00 0.00 ? 96  GLU A HB2  1 
ATOM 537 H HB3  . GLU A 1 35 ? -3.117  10.594  0.625   1.00 0.00 ? 96  GLU A HB3  1 
ATOM 538 H HG2  . GLU A 1 35 ? -1.701  9.973   -1.260  1.00 0.00 ? 96  GLU A HG2  1 
ATOM 539 H HG3  . GLU A 1 35 ? -2.952  8.886   -1.869  1.00 0.00 ? 96  GLU A HG3  1 
ATOM 540 N N    . THR A 1 36 ? -0.505  9.195   0.510   1.00 0.00 ? 97  THR A N    1 
ATOM 541 C CA   . THR A 1 36 ? 0.889   8.883   0.121   1.00 0.00 ? 97  THR A CA   1 
ATOM 542 C C    . THR A 1 36 ? 1.615   8.157   1.216   1.00 0.00 ? 97  THR A C    1 
ATOM 543 O O    . THR A 1 36 ? 2.104   8.740   2.160   1.00 0.00 ? 97  THR A O    1 
ATOM 544 C CB   . THR A 1 36 ? 1.681   10.109  -0.253  1.00 0.00 ? 97  THR A CB   1 
ATOM 545 O OG1  . THR A 1 36 ? 0.924   11.282  0.010   1.00 0.00 ? 97  THR A OG1  1 
ATOM 546 C CG2  . THR A 1 36 ? 2.039   10.023  -1.735  1.00 0.00 ? 97  THR A CG2  1 
ATOM 547 H H    . THR A 1 36 ? -0.777  10.092  0.791   1.00 0.00 ? 97  THR A H    1 
ATOM 548 H HA   . THR A 1 36 ? 0.851   8.231   -0.715  1.00 0.00 ? 97  THR A HA   1 
ATOM 549 H HB   . THR A 1 36 ? 2.584   10.106  0.326   1.00 0.00 ? 97  THR A HB   1 
ATOM 550 H HG1  . THR A 1 36 ? 1.231   11.654  0.841   1.00 0.00 ? 97  THR A HG1  1 
ATOM 551 H HG21 . THR A 1 36 ? 1.271   9.467   -2.256  1.00 0.00 ? 97  THR A HG21 1 
ATOM 552 H HG22 . THR A 1 36 ? 2.110   11.018  -2.150  1.00 0.00 ? 97  THR A HG22 1 
ATOM 553 H HG23 . THR A 1 36 ? 2.991   9.513   -1.846  1.00 0.00 ? 97  THR A HG23 1 
ATOM 554 N N    . ILE A 1 37 ? 1.708   6.879   1.053   1.00 0.00 ? 98  ILE A N    1 
ATOM 555 C CA   . ILE A 1 37 ? 2.425   6.048   2.053   1.00 0.00 ? 98  ILE A CA   1 
ATOM 556 C C    . ILE A 1 37 ? 2.759   4.659   1.532   1.00 0.00 ? 98  ILE A C    1 
ATOM 557 O O    . ILE A 1 37 ? 2.046   4.074   0.742   1.00 0.00 ? 98  ILE A O    1 
ATOM 558 C CB   . ILE A 1 37 ? 1.553   5.831   3.268   1.00 0.00 ? 98  ILE A CB   1 
ATOM 559 C CG1  . ILE A 1 37 ? 0.259   5.158   2.821   1.00 0.00 ? 98  ILE A CG1  1 
ATOM 560 C CG2  . ILE A 1 37 ? 1.270   7.162   3.917   1.00 0.00 ? 98  ILE A CG2  1 
ATOM 561 C CD1  . ILE A 1 37 ? -0.674  5.014   4.023   1.00 0.00 ? 98  ILE A CD1  1 
ATOM 562 H H    . ILE A 1 37 ? 1.320   6.483   0.254   1.00 0.00 ? 98  ILE A H    1 
ATOM 563 H HA   . ILE A 1 37 ? 3.320   6.555   2.344   1.00 0.00 ? 98  ILE A HA   1 
ATOM 564 H HB   . ILE A 1 37 ? 2.069   5.191   3.970   1.00 0.00 ? 98  ILE A HB   1 
ATOM 565 H HG12 . ILE A 1 37 ? -0.213  5.756   2.057   1.00 0.00 ? 98  ILE A HG12 1 
ATOM 566 H HG13 . ILE A 1 37 ? 0.487   4.181   2.418   1.00 0.00 ? 98  ILE A HG13 1 
ATOM 567 H HG21 . ILE A 1 37 ? 2.188   7.724   3.941   1.00 0.00 ? 98  ILE A HG21 1 
ATOM 568 H HG22 . ILE A 1 37 ? 0.533   7.695   3.335   1.00 0.00 ? 98  ILE A HG22 1 
ATOM 569 H HG23 . ILE A 1 37 ? 0.908   7.010   4.921   1.00 0.00 ? 98  ILE A HG23 1 
ATOM 570 H HD11 . ILE A 1 37 ? -0.278  5.582   4.848   1.00 0.00 ? 98  ILE A HD11 1 
ATOM 571 H HD12 . ILE A 1 37 ? -1.655  5.382   3.766   1.00 0.00 ? 98  ILE A HD12 1 
ATOM 572 H HD13 . ILE A 1 37 ? -0.741  3.976   4.305   1.00 0.00 ? 98  ILE A HD13 1 
ATOM 573 N N    . ARG A 1 38 ? 3.810   4.107   2.063   1.00 0.00 ? 99  ARG A N    1 
ATOM 574 C CA   . ARG A 1 38 ? 4.208   2.710   1.724   1.00 0.00 ? 99  ARG A CA   1 
ATOM 575 C C    . ARG A 1 38 ? 3.358   1.814   2.608   1.00 0.00 ? 99  ARG A C    1 
ATOM 576 O O    . ARG A 1 38 ? 3.702   1.522   3.735   1.00 0.00 ? 99  ARG A O    1 
ATOM 577 C CB   . ARG A 1 38 ? 5.687   2.466   2.045   1.00 0.00 ? 99  ARG A CB   1 
ATOM 578 C CG   . ARG A 1 38 ? 6.389   3.795   2.320   1.00 0.00 ? 99  ARG A CG   1 
ATOM 579 C CD   . ARG A 1 38 ? 7.856   3.699   1.892   1.00 0.00 ? 99  ARG A CD   1 
ATOM 580 N NE   . ARG A 1 38 ? 8.723   4.271   2.961   1.00 0.00 ? 99  ARG A NE   1 
ATOM 581 C CZ   . ARG A 1 38 ? 8.904   3.617   4.075   1.00 0.00 ? 99  ARG A CZ   1 
ATOM 582 N NH1  . ARG A 1 38 ? 9.734   2.610   4.113   1.00 0.00 ? 99  ARG A NH1  1 
ATOM 583 N NH2  . ARG A 1 38 ? 8.256   3.969   5.151   1.00 0.00 ? 99  ARG A NH2  1 
ATOM 584 H H    . ARG A 1 38 ? 4.302   4.603   2.737   1.00 0.00 ? 99  ARG A H    1 
ATOM 585 H HA   . ARG A 1 38 ? 4.007   2.500   0.685   1.00 0.00 ? 99  ARG A HA   1 
ATOM 586 H HB2  . ARG A 1 38 ? 5.761   1.833   2.918   1.00 0.00 ? 99  ARG A HB2  1 
ATOM 587 H HB3  . ARG A 1 38 ? 6.160   1.978   1.206   1.00 0.00 ? 99  ARG A HB3  1 
ATOM 588 H HG2  . ARG A 1 38 ? 5.899   4.575   1.760   1.00 0.00 ? 99  ARG A HG2  1 
ATOM 589 H HG3  . ARG A 1 38 ? 6.336   4.020   3.373   1.00 0.00 ? 99  ARG A HG3  1 
ATOM 590 H HD2  . ARG A 1 38 ? 8.118   2.664   1.734   1.00 0.00 ? 99  ARG A HD2  1 
ATOM 591 H HD3  . ARG A 1 38 ? 8.001   4.252   0.976   1.00 0.00 ? 99  ARG A HD3  1 
ATOM 592 H HE   . ARG A 1 38 ? 9.156   5.140   2.827   1.00 0.00 ? 99  ARG A HE   1 
ATOM 593 H HH11 . ARG A 1 38 ? 10.232  2.341   3.290   1.00 0.00 ? 99  ARG A HH11 1 
ATOM 594 H HH12 . ARG A 1 38 ? 9.871   2.108   4.967   1.00 0.00 ? 99  ARG A HH12 1 
ATOM 595 H HH21 . ARG A 1 38 ? 7.621   4.741   5.121   1.00 0.00 ? 99  ARG A HH21 1 
ATOM 596 H HH22 . ARG A 1 38 ? 8.393   3.468   6.004   1.00 0.00 ? 99  ARG A HH22 1 
ATOM 597 N N    . VAL A 1 39 ? 2.221   1.430   2.129   1.00 0.00 ? 100 VAL A N    1 
ATOM 598 C CA   . VAL A 1 39 ? 1.309   0.612   2.969   1.00 0.00 ? 100 VAL A CA   1 
ATOM 599 C C    . VAL A 1 39 ? 1.752   -0.849  3.033   1.00 0.00 ? 100 VAL A C    1 
ATOM 600 O O    . VAL A 1 39 ? 2.816   -1.201  2.595   1.00 0.00 ? 100 VAL A O    1 
ATOM 601 C CB   . VAL A 1 39 ? -0.116  0.723   2.427   1.00 0.00 ? 100 VAL A CB   1 
ATOM 602 C CG1  . VAL A 1 39 ? -0.768  1.961   3.026   1.00 0.00 ? 100 VAL A CG1  1 
ATOM 603 C CG2  . VAL A 1 39 ? -0.098  0.854   0.907   1.00 0.00 ? 100 VAL A CG2  1 
ATOM 604 H H    . VAL A 1 39 ? 1.951   1.720   1.235   1.00 0.00 ? 100 VAL A H    1 
ATOM 605 H HA   . VAL A 1 39 ? 1.330   1.011   3.959   1.00 0.00 ? 100 VAL A HA   1 
ATOM 606 H HB   . VAL A 1 39 ? -0.674  -0.149  2.704   1.00 0.00 ? 100 VAL A HB   1 
ATOM 607 H HG11 . VAL A 1 39 ? 0.001   2.651   3.333   1.00 0.00 ? 100 VAL A HG11 1 
ATOM 608 H HG12 . VAL A 1 39 ? -1.403  2.428   2.288   1.00 0.00 ? 100 VAL A HG12 1 
ATOM 609 H HG13 . VAL A 1 39 ? -1.360  1.677   3.884   1.00 0.00 ? 100 VAL A HG13 1 
ATOM 610 H HG21 . VAL A 1 39 ? 0.604   0.143   0.498   1.00 0.00 ? 100 VAL A HG21 1 
ATOM 611 H HG22 . VAL A 1 39 ? -1.084  0.652   0.516   1.00 0.00 ? 100 VAL A HG22 1 
ATOM 612 H HG23 . VAL A 1 39 ? 0.201   1.855   0.633   1.00 0.00 ? 100 VAL A HG23 1 
ATOM 613 N N    . THR A 1 40 ? 0.940   -1.692  3.615   1.00 0.00 ? 101 THR A N    1 
ATOM 614 C CA   . THR A 1 40 ? 1.289   -3.141  3.744   1.00 0.00 ? 101 THR A CA   1 
ATOM 615 C C    . THR A 1 40 ? -0.003  -3.906  4.017   1.00 0.00 ? 101 THR A C    1 
ATOM 616 O O    . THR A 1 40 ? -1.072  -3.330  3.976   1.00 0.00 ? 101 THR A O    1 
ATOM 617 C CB   . THR A 1 40 ? 2.252   -3.354  4.913   1.00 0.00 ? 101 THR A CB   1 
ATOM 618 O OG1  . THR A 1 40 ? 1.621   -2.981  6.129   1.00 0.00 ? 101 THR A OG1  1 
ATOM 619 C CG2  . THR A 1 40 ? 3.500   -2.516  4.705   1.00 0.00 ? 101 THR A CG2  1 
ATOM 620 H H    . THR A 1 40 ? 0.092   -1.366  3.983   1.00 0.00 ? 101 THR A H    1 
ATOM 621 H HA   . THR A 1 40 ? 1.740   -3.491  2.828   1.00 0.00 ? 101 THR A HA   1 
ATOM 622 H HB   . THR A 1 40 ? 2.539   -4.390  4.955   1.00 0.00 ? 101 THR A HB   1 
ATOM 623 H HG1  . THR A 1 40 ? 2.307   -2.833  6.786   1.00 0.00 ? 101 THR A HG1  1 
ATOM 624 H HG21 . THR A 1 40 ? 3.962   -2.810  3.782   1.00 0.00 ? 101 THR A HG21 1 
ATOM 625 H HG22 . THR A 1 40 ? 3.233   -1.473  4.665   1.00 0.00 ? 101 THR A HG22 1 
ATOM 626 H HG23 . THR A 1 40 ? 4.185   -2.685  5.520   1.00 0.00 ? 101 THR A HG23 1 
ATOM 627 N N    . LYS A 1 41 ? 0.044   -5.185  4.297   1.00 0.00 ? 102 LYS A N    1 
ATOM 628 C CA   . LYS A 1 41 ? -1.255  -5.865  4.554   1.00 0.00 ? 102 LYS A CA   1 
ATOM 629 C C    . LYS A 1 41 ? -1.103  -7.349  4.940   1.00 0.00 ? 102 LYS A C    1 
ATOM 630 O O    . LYS A 1 41 ? -1.585  -7.758  5.977   1.00 0.00 ? 102 LYS A O    1 
ATOM 631 C CB   . LYS A 1 41 ? -2.115  -5.713  3.282   1.00 0.00 ? 102 LYS A CB   1 
ATOM 632 C CG   . LYS A 1 41 ? -3.000  -6.949  3.038   1.00 0.00 ? 102 LYS A CG   1 
ATOM 633 C CD   . LYS A 1 41 ? -3.112  -7.216  1.536   1.00 0.00 ? 102 LYS A CD   1 
ATOM 634 C CE   . LYS A 1 41 ? -2.765  -8.681  1.246   1.00 0.00 ? 102 LYS A CE   1 
ATOM 635 N NZ   . LYS A 1 41 ? -3.613  -9.568  2.091   1.00 0.00 ? 102 LYS A NZ   1 
ATOM 636 H H    . LYS A 1 41 ? 0.896   -5.674  4.333   1.00 0.00 ? 102 LYS A H    1 
ATOM 637 H HA   . LYS A 1 41 ? -1.755  -5.352  5.362   1.00 0.00 ? 102 LYS A HA   1 
ATOM 638 H HB2  . LYS A 1 41 ? -2.747  -4.845  3.389   1.00 0.00 ? 102 LYS A HB2  1 
ATOM 639 H HB3  . LYS A 1 41 ? -1.460  -5.567  2.433   1.00 0.00 ? 102 LYS A HB3  1 
ATOM 640 H HG2  . LYS A 1 41 ? -2.577  -7.811  3.512   1.00 0.00 ? 102 LYS A HG2  1 
ATOM 641 H HG3  . LYS A 1 41 ? -3.983  -6.768  3.440   1.00 0.00 ? 102 LYS A HG3  1 
ATOM 642 H HD2  . LYS A 1 41 ? -4.121  -7.016  1.210   1.00 0.00 ? 102 LYS A HD2  1 
ATOM 643 H HD3  . LYS A 1 41 ? -2.429  -6.573  1.004   1.00 0.00 ? 102 LYS A HD3  1 
ATOM 644 H HE2  . LYS A 1 41 ? -2.949  -8.896  0.204   1.00 0.00 ? 102 LYS A HE2  1 
ATOM 645 H HE3  . LYS A 1 41 ? -1.722  -8.861  1.470   1.00 0.00 ? 102 LYS A HE3  1 
ATOM 646 H HZ1  . LYS A 1 41 ? -4.565  -9.160  2.177   1.00 0.00 ? 102 LYS A HZ1  1 
ATOM 647 H HZ2  . LYS A 1 41 ? -3.680  -10.508 1.651   1.00 0.00 ? 102 LYS A HZ2  1 
ATOM 648 H HZ3  . LYS A 1 41 ? -3.186  -9.657  3.037   1.00 0.00 ? 102 LYS A HZ3  1 
ATOM 649 N N    . PRO A 1 42 ? -0.531  -8.128  4.060   1.00 0.00 ? 103 PRO A N    1 
ATOM 650 C CA   . PRO A 1 42 ? -0.419  -9.590  4.250   1.00 0.00 ? 103 PRO A CA   1 
ATOM 651 C C    . PRO A 1 42 ? 0.698   -10.012 5.197   1.00 0.00 ? 103 PRO A C    1 
ATOM 652 O O    . PRO A 1 42 ? 0.480   -10.277 6.364   1.00 0.00 ? 103 PRO A O    1 
ATOM 653 C CB   . PRO A 1 42 ? -0.105  -10.101 2.847   1.00 0.00 ? 103 PRO A CB   1 
ATOM 654 C CG   . PRO A 1 42 ? 0.517   -8.912  2.081   1.00 0.00 ? 103 PRO A CG   1 
ATOM 655 C CD   . PRO A 1 42 ? 0.065   -7.636  2.805   1.00 0.00 ? 103 PRO A CD   1 
ATOM 656 H HA   . PRO A 1 42 ? -1.360  -10.000 4.572   1.00 0.00 ? 103 PRO A HA   1 
ATOM 657 H HB2  . PRO A 1 42 ? 0.601   -10.922 2.904   1.00 0.00 ? 103 PRO A HB2  1 
ATOM 658 H HB3  . PRO A 1 42 ? -1.009  -10.420 2.354   1.00 0.00 ? 103 PRO A HB3  1 
ATOM 659 H HG2  . PRO A 1 42 ? 1.596   -8.989  2.096   1.00 0.00 ? 103 PRO A HG2  1 
ATOM 660 H HG3  . PRO A 1 42 ? 0.160   -8.903  1.064   1.00 0.00 ? 103 PRO A HG3  1 
ATOM 661 H HD2  . PRO A 1 42 ? 0.912   -6.995  3.008   1.00 0.00 ? 103 PRO A HD2  1 
ATOM 662 H HD3  . PRO A 1 42 ? -0.669  -7.122  2.221   1.00 0.00 ? 103 PRO A HD3  1 
ATOM 663 N N    . CYS A 1 43 ? 1.885   -10.136 4.680   1.00 0.00 ? 104 CYS A N    1 
ATOM 664 C CA   . CYS A 1 43 ? 3.017   -10.610 5.514   1.00 0.00 ? 104 CYS A CA   1 
ATOM 665 C C    . CYS A 1 43 ? 3.985   -9.462  5.796   1.00 0.00 ? 104 CYS A C    1 
ATOM 666 O O    . CYS A 1 43 ? 3.516   -8.382  6.113   1.00 0.00 ? 104 CYS A O    1 
ATOM 667 C CB   . CYS A 1 43 ? 3.741   -11.739 4.764   1.00 0.00 ? 104 CYS A CB   1 
ATOM 668 S SG   . CYS A 1 43 ? 2.771   -12.234 3.303   1.00 0.00 ? 104 CYS A SG   1 
ATOM 669 O OXT  . CYS A 1 43 ? 5.181   -9.685  5.702   1.00 0.00 ? 104 CYS A OXT  1 
ATOM 670 H H    . CYS A 1 43 ? 2.022   -9.948  3.732   1.00 0.00 ? 104 CYS A H    1 
ATOM 671 H HA   . CYS A 1 43 ? 2.634   -10.993 6.447   1.00 0.00 ? 104 CYS A HA   1 
ATOM 672 H HB2  . CYS A 1 43 ? 4.713   -11.393 4.448   1.00 0.00 ? 104 CYS A HB2  1 
ATOM 673 H HB3  . CYS A 1 43 ? 3.858   -12.588 5.421   1.00 0.00 ? 104 CYS A HB3  1 
# 
